data_1PXY
#
_entry.id   1PXY
#
_cell.length_a   62.688
_cell.length_b   104.981
_cell.length_c   104.411
_cell.angle_alpha   90.00
_cell.angle_beta   103.93
_cell.angle_gamma   90.00
#
_symmetry.space_group_name_H-M   'P 1 21 1'
#
loop_
_entity.id
_entity.type
_entity.pdbx_description
1 polymer 'fimbrin-like protein'
2 water water
#
_entity_poly.entity_id   1
_entity_poly.type   'polypeptide(L)'
_entity_poly.pdbx_seq_one_letter_code
;GSPGIQSEKGPFVQHINRYLGDDPFLKQFLPLDPHSNQLYELVKDGVLLCKLINVAVPGTIDERAINTKRVLNPWERNEN
HTLCLNSAKAVGCSVVNIGTQDLAEGRPHLVLGLISQLIKIQLLADLNLKKTPQLVELLEDSDDVEELLRLPPEKVLLKW
MNFHLKKGGYKKTVSNFSADLKDAQAYAFLLNVLAPEHCDPATLDAKDPLERAELVLSHAERMNCKRYLTAEEIVEGSST
LNLAFVAQIFHERNGLNKDGKYAFAEMMTEDVETCRDERCYRLWINSLGIDSYVNNVFEDVRNGWILLEVLDKVSPSSVN
WKHASKPPIKMPFRKVENCNQVIKIGKQLKFSLVNVAGNDIVQGNKKLILGLLWQLMRFHMLQLLKSLRSRTLGKEMTDA
DILSWANRKVRTMGRKLQIESFKDKSLSSGLFFLNLLWAVEPRVVNWNLVTKGETDDEKRLNATYIVSVARKLGCSVFLL
PEDIVEVNQKMILILTASIMYWSLQR
;
_entity_poly.pdbx_strand_id   A,B
#
# COMPACT_ATOMS: atom_id res chain seq x y z
N SER A 7 2.77 4.70 3.64
CA SER A 7 4.05 4.52 4.40
C SER A 7 5.21 4.39 3.43
N GLU A 8 4.90 4.14 2.16
CA GLU A 8 5.92 3.99 1.13
C GLU A 8 6.34 5.33 0.56
N LYS A 9 5.76 6.40 1.07
CA LYS A 9 6.07 7.75 0.61
C LYS A 9 7.56 8.07 0.74
N GLY A 10 8.15 7.66 1.86
CA GLY A 10 9.57 7.92 2.09
C GLY A 10 10.48 7.32 1.03
N PRO A 11 10.48 5.99 0.87
CA PRO A 11 11.35 5.37 -0.14
C PRO A 11 11.05 5.86 -1.54
N PHE A 12 9.79 6.18 -1.81
CA PHE A 12 9.37 6.67 -3.12
C PHE A 12 10.01 8.01 -3.44
N VAL A 13 10.20 8.82 -2.40
CA VAL A 13 10.82 10.13 -2.56
C VAL A 13 12.31 9.95 -2.77
N GLN A 14 12.93 9.19 -1.88
CA GLN A 14 14.37 8.93 -1.96
C GLN A 14 14.71 8.39 -3.35
N HIS A 15 13.84 7.55 -3.88
CA HIS A 15 14.03 6.96 -5.19
C HIS A 15 14.08 8.05 -6.27
N ILE A 16 13.15 9.00 -6.19
CA ILE A 16 13.09 10.11 -7.14
C ILE A 16 14.32 11.02 -7.01
N ASN A 17 14.69 11.34 -5.77
CA ASN A 17 15.84 12.20 -5.50
C ASN A 17 17.13 11.60 -6.04
N ARG A 18 17.26 10.28 -5.96
CA ARG A 18 18.46 9.60 -6.42
C ARG A 18 18.57 9.45 -7.93
N TYR A 19 17.45 9.14 -8.59
CA TYR A 19 17.47 8.96 -10.03
C TYR A 19 17.20 10.21 -10.86
N LEU A 20 16.65 11.24 -10.24
CA LEU A 20 16.34 12.48 -10.96
C LEU A 20 17.05 13.70 -10.36
N GLY A 21 17.84 13.48 -9.31
CA GLY A 21 18.54 14.56 -8.65
C GLY A 21 19.51 15.37 -9.49
N ASP A 22 19.89 14.83 -10.65
CA ASP A 22 20.81 15.53 -11.54
C ASP A 22 20.13 15.99 -12.83
N ASP A 23 18.84 15.73 -12.95
CA ASP A 23 18.10 16.12 -14.15
C ASP A 23 18.24 17.62 -14.36
N PRO A 24 18.65 18.03 -15.57
CA PRO A 24 18.84 19.45 -15.92
C PRO A 24 17.71 20.37 -15.46
N PHE A 25 16.48 19.89 -15.58
CA PHE A 25 15.31 20.67 -15.18
C PHE A 25 14.98 20.55 -13.70
N LEU A 26 14.84 19.31 -13.22
CA LEU A 26 14.50 19.05 -11.83
C LEU A 26 15.70 19.17 -10.90
N LYS A 27 16.87 19.47 -11.45
CA LYS A 27 18.08 19.60 -10.67
C LYS A 27 17.95 20.59 -9.52
N GLN A 28 17.16 21.64 -9.73
CA GLN A 28 16.96 22.67 -8.70
C GLN A 28 15.91 22.34 -7.66
N PHE A 29 14.89 21.57 -8.02
CA PHE A 29 13.82 21.23 -7.09
C PHE A 29 14.15 20.05 -6.19
N LEU A 30 15.27 19.39 -6.46
CA LEU A 30 15.67 18.23 -5.67
C LEU A 30 16.93 18.54 -4.85
N PRO A 31 17.14 17.80 -3.75
CA PRO A 31 16.28 16.72 -3.25
C PRO A 31 14.99 17.21 -2.58
N LEU A 32 14.05 16.29 -2.41
CA LEU A 32 12.78 16.57 -1.77
C LEU A 32 12.71 15.93 -0.39
N ASP A 33 12.08 16.62 0.57
CA ASP A 33 11.95 16.08 1.91
C ASP A 33 10.83 15.04 1.96
N PRO A 34 11.20 13.76 2.18
CA PRO A 34 10.25 12.66 2.24
C PRO A 34 9.25 12.77 3.40
N HIS A 35 9.44 13.77 4.25
CA HIS A 35 8.56 13.97 5.39
C HIS A 35 7.53 15.06 5.08
N SER A 36 7.86 15.93 4.14
CA SER A 36 6.97 17.01 3.74
C SER A 36 6.11 16.56 2.58
N ASN A 37 5.26 17.45 2.09
CA ASN A 37 4.37 17.14 0.96
C ASN A 37 4.85 17.78 -0.34
N GLN A 38 6.15 18.03 -0.45
CA GLN A 38 6.71 18.63 -1.65
C GLN A 38 6.51 17.72 -2.86
N LEU A 39 6.35 16.43 -2.60
CA LEU A 39 6.15 15.45 -3.66
C LEU A 39 4.87 15.73 -4.45
N TYR A 40 3.76 15.83 -3.73
CA TYR A 40 2.47 16.07 -4.34
C TYR A 40 2.36 17.44 -4.99
N GLU A 41 3.36 18.29 -4.78
CA GLU A 41 3.37 19.62 -5.36
C GLU A 41 4.20 19.65 -6.63
N LEU A 42 5.27 18.86 -6.66
CA LEU A 42 6.15 18.81 -7.82
C LEU A 42 5.55 17.95 -8.93
N VAL A 43 4.42 17.32 -8.65
CA VAL A 43 3.74 16.46 -9.62
C VAL A 43 2.66 17.19 -10.40
N LYS A 44 2.16 18.28 -9.82
CA LYS A 44 1.08 19.07 -10.42
C LYS A 44 1.29 19.54 -11.86
N ASP A 45 2.51 19.93 -12.22
CA ASP A 45 2.77 20.40 -13.58
C ASP A 45 2.91 19.30 -14.64
N GLY A 46 3.25 18.10 -14.22
CA GLY A 46 3.36 16.99 -15.16
C GLY A 46 4.73 16.71 -15.75
N VAL A 47 5.76 17.40 -15.27
CA VAL A 47 7.11 17.19 -15.79
C VAL A 47 7.80 16.06 -15.03
N LEU A 48 7.57 16.03 -13.72
CA LEU A 48 8.17 15.03 -12.85
C LEU A 48 7.84 13.60 -13.27
N LEU A 49 6.56 13.26 -13.31
CA LEU A 49 6.14 11.93 -13.68
C LEU A 49 6.57 11.51 -15.08
N CYS A 50 6.51 12.44 -16.04
CA CYS A 50 6.92 12.13 -17.40
C CYS A 50 8.38 11.70 -17.42
N LYS A 51 9.20 12.38 -16.64
CA LYS A 51 10.62 12.04 -16.56
C LYS A 51 10.85 10.75 -15.78
N LEU A 52 10.00 10.49 -14.78
CA LEU A 52 10.14 9.27 -13.99
C LEU A 52 9.93 8.07 -14.91
N ILE A 53 8.98 8.20 -15.82
CA ILE A 53 8.66 7.14 -16.77
C ILE A 53 9.86 6.76 -17.63
N ASN A 54 10.66 7.75 -18.04
CA ASN A 54 11.84 7.45 -18.85
C ASN A 54 12.92 6.83 -17.98
N VAL A 55 12.81 7.03 -16.67
CA VAL A 55 13.74 6.45 -15.71
C VAL A 55 13.41 4.97 -15.60
N ALA A 56 12.12 4.67 -15.62
CA ALA A 56 11.63 3.29 -15.54
C ALA A 56 11.93 2.56 -16.85
N VAL A 57 11.58 3.20 -17.97
CA VAL A 57 11.82 2.61 -19.28
C VAL A 57 12.35 3.69 -20.23
N PRO A 58 13.67 3.83 -20.29
CA PRO A 58 14.34 4.82 -21.14
C PRO A 58 13.81 4.86 -22.57
N GLY A 59 13.73 6.07 -23.14
CA GLY A 59 13.26 6.22 -24.50
C GLY A 59 11.76 6.09 -24.71
N THR A 60 10.98 6.13 -23.63
CA THR A 60 9.54 6.01 -23.75
C THR A 60 8.92 7.30 -24.25
N ILE A 61 9.29 8.40 -23.60
CA ILE A 61 8.77 9.71 -23.95
C ILE A 61 9.88 10.61 -24.52
N ASP A 62 9.60 11.27 -25.64
CA ASP A 62 10.58 12.19 -26.22
C ASP A 62 10.41 13.44 -25.38
N GLU A 63 11.34 13.66 -24.45
CA GLU A 63 11.28 14.80 -23.55
C GLU A 63 11.04 16.14 -24.24
N ARG A 64 11.34 16.21 -25.53
CA ARG A 64 11.14 17.45 -26.28
C ARG A 64 9.66 17.79 -26.40
N ALA A 65 8.81 16.79 -26.25
CA ALA A 65 7.36 16.97 -26.36
C ALA A 65 6.73 17.37 -25.02
N ILE A 66 7.55 17.51 -23.99
CA ILE A 66 7.07 17.88 -22.66
C ILE A 66 7.16 19.39 -22.45
N ASN A 67 6.06 20.00 -22.02
CA ASN A 67 6.04 21.44 -21.78
C ASN A 67 6.87 21.76 -20.54
N THR A 68 8.15 22.08 -20.76
CA THR A 68 9.07 22.38 -19.67
C THR A 68 9.38 23.86 -19.46
N LYS A 69 8.36 24.63 -19.10
CA LYS A 69 8.55 26.06 -18.86
C LYS A 69 8.51 26.36 -17.36
N ARG A 70 8.94 27.55 -16.97
CA ARG A 70 8.91 27.93 -15.56
C ARG A 70 7.46 27.96 -15.12
N VAL A 71 6.63 28.68 -15.87
CA VAL A 71 5.21 28.79 -15.59
C VAL A 71 4.44 28.10 -16.70
N LEU A 72 3.38 27.38 -16.33
CA LEU A 72 2.57 26.66 -17.31
C LEU A 72 1.10 27.04 -17.25
N ASN A 73 0.47 27.09 -18.42
CA ASN A 73 -0.95 27.41 -18.52
C ASN A 73 -1.72 26.18 -18.07
N PRO A 74 -3.04 26.33 -17.83
CA PRO A 74 -3.82 25.18 -17.40
C PRO A 74 -3.89 24.10 -18.49
N TRP A 75 -3.47 24.47 -19.70
CA TRP A 75 -3.49 23.55 -20.82
C TRP A 75 -2.13 22.92 -21.07
N GLU A 76 -1.06 23.71 -20.95
CA GLU A 76 0.28 23.19 -21.13
C GLU A 76 0.48 22.15 -20.03
N ARG A 77 -0.22 22.37 -18.92
CA ARG A 77 -0.17 21.48 -17.77
C ARG A 77 -0.97 20.20 -18.05
N ASN A 78 -2.12 20.35 -18.68
CA ASN A 78 -2.99 19.23 -18.99
C ASN A 78 -2.36 18.32 -20.05
N GLU A 79 -1.50 18.88 -20.88
CA GLU A 79 -0.86 18.09 -21.92
C GLU A 79 0.16 17.13 -21.30
N ASN A 80 0.96 17.63 -20.37
CA ASN A 80 1.96 16.80 -19.71
C ASN A 80 1.31 15.58 -19.07
N HIS A 81 0.21 15.80 -18.35
CA HIS A 81 -0.50 14.72 -17.69
C HIS A 81 -1.11 13.75 -18.69
N THR A 82 -1.51 14.28 -19.84
CA THR A 82 -2.08 13.44 -20.89
C THR A 82 -0.97 12.59 -21.46
N LEU A 83 0.15 13.24 -21.79
CA LEU A 83 1.30 12.54 -22.32
C LEU A 83 1.80 11.53 -21.30
N CYS A 84 1.72 11.90 -20.02
CA CYS A 84 2.16 11.05 -18.93
C CYS A 84 1.33 9.76 -18.82
N LEU A 85 0.03 9.93 -18.62
CA LEU A 85 -0.89 8.80 -18.49
C LEU A 85 -0.88 7.85 -19.69
N ASN A 86 -0.75 8.40 -20.89
CA ASN A 86 -0.74 7.55 -22.08
C ASN A 86 0.61 6.85 -22.23
N SER A 87 1.65 7.43 -21.65
CA SER A 87 2.97 6.83 -21.73
C SER A 87 3.04 5.71 -20.68
N ALA A 88 2.37 5.93 -19.55
CA ALA A 88 2.34 4.96 -18.47
C ALA A 88 1.77 3.63 -18.96
N LYS A 89 0.73 3.71 -19.79
CA LYS A 89 0.10 2.52 -20.34
C LYS A 89 1.08 1.81 -21.26
N ALA A 90 1.82 2.60 -22.03
CA ALA A 90 2.79 2.07 -22.98
C ALA A 90 3.91 1.27 -22.31
N VAL A 91 4.06 1.43 -21.00
CA VAL A 91 5.10 0.68 -20.29
C VAL A 91 4.52 -0.40 -19.38
N GLY A 92 3.19 -0.54 -19.40
CA GLY A 92 2.56 -1.56 -18.59
C GLY A 92 1.87 -1.11 -17.31
N CYS A 93 1.65 0.18 -17.15
CA CYS A 93 1.00 0.69 -15.94
C CYS A 93 -0.52 0.62 -16.03
N SER A 94 -1.15 0.41 -14.88
CA SER A 94 -2.60 0.33 -14.80
C SER A 94 -3.08 1.68 -14.28
N VAL A 95 -3.49 2.55 -15.20
CA VAL A 95 -3.95 3.89 -14.87
C VAL A 95 -5.39 4.11 -15.36
N VAL A 96 -6.12 3.02 -15.55
CA VAL A 96 -7.50 3.09 -16.03
C VAL A 96 -8.44 3.91 -15.14
N ASN A 97 -8.04 4.14 -13.89
CA ASN A 97 -8.88 4.91 -12.97
C ASN A 97 -8.30 6.28 -12.60
N ILE A 98 -7.11 6.58 -13.10
CA ILE A 98 -6.47 7.86 -12.81
C ILE A 98 -6.75 8.88 -13.91
N GLY A 99 -7.36 10.00 -13.53
CA GLY A 99 -7.68 11.04 -14.50
C GLY A 99 -6.67 12.16 -14.52
N THR A 100 -6.60 12.86 -15.66
CA THR A 100 -5.67 13.97 -15.84
C THR A 100 -5.73 15.01 -14.73
N GLN A 101 -6.91 15.21 -14.16
CA GLN A 101 -7.09 16.20 -13.11
C GLN A 101 -6.61 15.69 -11.75
N ASP A 102 -6.55 14.36 -11.59
CA ASP A 102 -6.10 13.78 -10.33
C ASP A 102 -4.60 14.02 -10.14
N LEU A 103 -3.88 14.16 -11.25
CA LEU A 103 -2.45 14.41 -11.20
C LEU A 103 -2.21 15.89 -10.93
N ALA A 104 -3.01 16.74 -11.57
CA ALA A 104 -2.90 18.18 -11.41
C ALA A 104 -3.15 18.57 -9.95
N GLU A 105 -4.14 17.95 -9.34
CA GLU A 105 -4.47 18.22 -7.95
C GLU A 105 -3.43 17.53 -7.07
N GLY A 106 -3.02 16.33 -7.49
CA GLY A 106 -2.03 15.58 -6.74
C GLY A 106 -2.58 14.64 -5.68
N ARG A 107 -3.54 13.80 -6.05
CA ARG A 107 -4.12 12.86 -5.10
C ARG A 107 -3.12 11.76 -4.76
N PRO A 108 -2.68 11.71 -3.50
CA PRO A 108 -1.72 10.74 -2.97
C PRO A 108 -1.97 9.27 -3.28
N HIS A 109 -3.16 8.77 -2.96
CA HIS A 109 -3.48 7.37 -3.19
C HIS A 109 -3.41 6.99 -4.68
N LEU A 110 -3.35 7.99 -5.55
CA LEU A 110 -3.27 7.74 -6.98
C LEU A 110 -1.84 8.01 -7.47
N VAL A 111 -1.19 8.99 -6.85
CA VAL A 111 0.17 9.36 -7.21
C VAL A 111 1.15 8.30 -6.74
N LEU A 112 1.00 7.87 -5.49
CA LEU A 112 1.88 6.84 -4.93
C LEU A 112 1.61 5.51 -5.63
N GLY A 113 0.34 5.26 -5.94
CA GLY A 113 -0.02 4.03 -6.61
C GLY A 113 0.57 3.96 -8.01
N LEU A 114 0.69 5.11 -8.66
CA LEU A 114 1.25 5.17 -10.00
C LEU A 114 2.77 5.03 -9.95
N ILE A 115 3.39 5.79 -9.03
CA ILE A 115 4.84 5.72 -8.88
C ILE A 115 5.26 4.31 -8.47
N SER A 116 4.43 3.66 -7.65
CA SER A 116 4.71 2.31 -7.19
C SER A 116 4.85 1.35 -8.36
N GLN A 117 4.00 1.49 -9.37
CA GLN A 117 4.05 0.62 -10.54
C GLN A 117 5.28 0.91 -11.39
N LEU A 118 5.66 2.20 -11.48
CA LEU A 118 6.82 2.60 -12.26
C LEU A 118 8.11 2.07 -11.67
N ILE A 119 8.24 2.16 -10.34
CA ILE A 119 9.43 1.66 -9.65
C ILE A 119 9.55 0.17 -9.94
N LYS A 120 8.43 -0.52 -9.83
CA LYS A 120 8.35 -1.96 -10.07
C LYS A 120 8.82 -2.28 -11.48
N ILE A 121 8.32 -1.52 -12.46
CA ILE A 121 8.69 -1.71 -13.85
C ILE A 121 10.18 -1.41 -14.04
N GLN A 122 10.64 -0.34 -13.40
CA GLN A 122 12.04 0.07 -13.49
C GLN A 122 13.02 -0.97 -12.96
N LEU A 123 12.74 -1.46 -11.76
CA LEU A 123 13.59 -2.45 -11.12
C LEU A 123 13.47 -3.88 -11.62
N LEU A 124 12.27 -4.31 -11.98
CA LEU A 124 12.08 -5.69 -12.44
C LEU A 124 12.03 -5.98 -13.93
N ALA A 125 12.16 -4.94 -14.77
CA ALA A 125 12.14 -5.18 -16.20
C ALA A 125 13.54 -5.58 -16.64
N ASP A 126 13.74 -5.81 -17.93
CA ASP A 126 15.05 -6.20 -18.44
C ASP A 126 15.52 -7.54 -17.87
N LEU A 127 14.63 -8.24 -17.17
CA LEU A 127 14.96 -9.53 -16.60
C LEU A 127 14.44 -10.67 -17.48
N ASN A 128 13.88 -10.32 -18.64
CA ASN A 128 13.35 -11.30 -19.58
C ASN A 128 13.88 -10.97 -20.97
N LEU A 129 14.75 -9.96 -21.04
CA LEU A 129 15.32 -9.52 -22.30
C LEU A 129 16.84 -9.51 -22.24
N LYS A 130 17.40 -10.01 -21.15
CA LYS A 130 18.84 -10.03 -21.02
C LYS A 130 19.48 -11.10 -21.89
N LYS A 131 20.67 -11.52 -21.48
CA LYS A 131 21.47 -12.53 -22.17
C LYS A 131 21.79 -13.67 -21.21
N LEU A 149 12.57 -20.12 -18.72
CA LEU A 149 12.12 -18.78 -19.22
C LEU A 149 10.71 -18.46 -18.74
N ARG A 150 10.14 -19.36 -17.94
CA ARG A 150 8.80 -19.16 -17.41
C ARG A 150 8.84 -18.68 -15.98
N LEU A 151 9.99 -18.17 -15.56
CA LEU A 151 10.17 -17.67 -14.19
C LEU A 151 9.84 -16.18 -14.07
N PRO A 152 9.16 -15.80 -12.99
CA PRO A 152 8.82 -14.39 -12.79
C PRO A 152 10.13 -13.60 -12.63
N PRO A 153 10.10 -12.28 -12.87
CA PRO A 153 11.30 -11.45 -12.73
C PRO A 153 12.03 -11.66 -11.41
N GLU A 154 11.27 -11.73 -10.32
CA GLU A 154 11.83 -11.92 -8.99
C GLU A 154 12.65 -13.20 -8.86
N LYS A 155 12.15 -14.28 -9.44
CA LYS A 155 12.84 -15.57 -9.38
C LYS A 155 14.05 -15.57 -10.30
N VAL A 156 13.98 -14.77 -11.37
CA VAL A 156 15.09 -14.68 -12.32
C VAL A 156 16.24 -13.97 -11.63
N LEU A 157 15.91 -12.99 -10.79
CA LEU A 157 16.91 -12.24 -10.07
C LEU A 157 17.58 -13.16 -9.05
N LEU A 158 16.80 -14.08 -8.47
CA LEU A 158 17.33 -15.02 -7.50
C LEU A 158 18.34 -15.96 -8.14
N LYS A 159 18.08 -16.37 -9.38
CA LYS A 159 18.98 -17.26 -10.09
C LYS A 159 20.28 -16.52 -10.38
N TRP A 160 20.16 -15.26 -10.80
CA TRP A 160 21.33 -14.44 -11.10
C TRP A 160 22.24 -14.30 -9.87
N MET A 161 21.61 -14.00 -8.73
CA MET A 161 22.34 -13.84 -7.48
C MET A 161 23.07 -15.13 -7.09
N ASN A 162 22.31 -16.22 -6.99
CA ASN A 162 22.88 -17.51 -6.63
C ASN A 162 24.01 -17.91 -7.58
N PHE A 163 23.88 -17.53 -8.85
CA PHE A 163 24.89 -17.84 -9.85
C PHE A 163 26.27 -17.35 -9.38
N HIS A 164 26.34 -16.07 -9.04
CA HIS A 164 27.59 -15.47 -8.58
C HIS A 164 28.01 -15.97 -7.21
N LEU A 165 27.03 -16.24 -6.35
CA LEU A 165 27.31 -16.73 -5.01
C LEU A 165 28.00 -18.09 -5.04
N LYS A 166 27.61 -18.93 -6.00
CA LYS A 166 28.19 -20.26 -6.15
C LYS A 166 29.70 -20.14 -6.32
N LYS A 167 30.10 -19.35 -7.31
CA LYS A 167 31.51 -19.14 -7.61
C LYS A 167 32.17 -18.36 -6.48
N GLY A 168 31.36 -17.69 -5.67
CA GLY A 168 31.89 -16.93 -4.55
C GLY A 168 32.06 -17.80 -3.33
N GLY A 169 31.94 -19.10 -3.51
CA GLY A 169 32.09 -20.04 -2.41
C GLY A 169 31.04 -19.91 -1.33
N TYR A 170 29.90 -19.30 -1.65
CA TYR A 170 28.83 -19.13 -0.68
C TYR A 170 28.10 -20.47 -0.55
N LYS A 171 27.98 -20.96 0.68
CA LYS A 171 27.31 -22.24 0.94
C LYS A 171 25.80 -22.21 0.78
N LYS A 172 25.13 -21.41 1.59
CA LYS A 172 23.68 -21.29 1.57
C LYS A 172 23.12 -20.93 0.20
N THR A 173 21.82 -21.15 0.03
CA THR A 173 21.12 -20.84 -1.21
C THR A 173 20.09 -19.77 -0.90
N VAL A 174 19.91 -18.81 -1.80
CA VAL A 174 18.93 -17.75 -1.59
C VAL A 174 17.63 -18.11 -2.29
N SER A 175 16.52 -18.02 -1.56
CA SER A 175 15.21 -18.34 -2.13
C SER A 175 14.15 -17.29 -1.80
N ASN A 176 14.53 -16.29 -1.01
CA ASN A 176 13.62 -15.21 -0.64
C ASN A 176 14.41 -13.93 -0.39
N PHE A 177 13.71 -12.80 -0.25
CA PHE A 177 14.37 -11.51 -0.03
C PHE A 177 14.16 -10.95 1.36
N SER A 178 13.88 -11.82 2.32
CA SER A 178 13.66 -11.36 3.69
C SER A 178 14.59 -12.04 4.69
N ALA A 179 14.34 -13.31 5.00
CA ALA A 179 15.15 -14.05 5.95
C ALA A 179 16.51 -14.47 5.39
N ASP A 180 16.55 -14.72 4.09
CA ASP A 180 17.80 -15.14 3.44
C ASP A 180 18.77 -13.97 3.22
N LEU A 181 18.39 -12.79 3.68
CA LEU A 181 19.25 -11.61 3.52
C LEU A 181 19.44 -10.82 4.81
N LYS A 182 18.61 -11.11 5.80
CA LYS A 182 18.67 -10.41 7.09
C LYS A 182 20.06 -10.17 7.67
N ASP A 183 20.97 -11.14 7.51
CA ASP A 183 22.31 -11.01 8.08
C ASP A 183 23.37 -10.35 7.20
N ALA A 184 22.96 -9.89 6.01
CA ALA A 184 23.88 -9.20 5.08
C ALA A 184 25.03 -10.07 4.55
N GLN A 185 25.07 -11.34 4.95
CA GLN A 185 26.12 -12.25 4.51
C GLN A 185 26.12 -12.43 2.98
N ALA A 186 24.94 -12.74 2.42
CA ALA A 186 24.81 -12.94 0.99
C ALA A 186 25.14 -11.66 0.21
N TYR A 187 24.83 -10.52 0.80
CA TYR A 187 25.10 -9.23 0.16
C TYR A 187 26.61 -9.01 0.05
N ALA A 188 27.31 -9.26 1.16
CA ALA A 188 28.76 -9.07 1.21
C ALA A 188 29.48 -9.96 0.19
N PHE A 189 29.07 -11.22 0.09
CA PHE A 189 29.70 -12.13 -0.86
C PHE A 189 29.46 -11.64 -2.29
N LEU A 190 28.20 -11.40 -2.62
CA LEU A 190 27.81 -10.94 -3.94
C LEU A 190 28.63 -9.74 -4.37
N LEU A 191 28.61 -8.70 -3.54
CA LEU A 191 29.34 -7.47 -3.84
C LEU A 191 30.84 -7.74 -4.05
N ASN A 192 31.41 -8.65 -3.25
CA ASN A 192 32.84 -8.97 -3.40
C ASN A 192 33.08 -9.65 -4.73
N VAL A 193 32.08 -10.35 -5.23
CA VAL A 193 32.18 -11.05 -6.51
C VAL A 193 32.08 -10.07 -7.67
N LEU A 194 31.11 -9.16 -7.61
CA LEU A 194 30.88 -8.17 -8.66
C LEU A 194 31.83 -6.97 -8.63
N ALA A 195 32.18 -6.51 -7.43
CA ALA A 195 33.07 -5.36 -7.30
C ALA A 195 34.15 -5.59 -6.24
N PRO A 196 35.09 -6.51 -6.51
CA PRO A 196 36.17 -6.83 -5.58
C PRO A 196 37.12 -5.66 -5.31
N GLU A 197 37.24 -4.75 -6.27
CA GLU A 197 38.13 -3.60 -6.10
C GLU A 197 37.61 -2.60 -5.07
N HIS A 198 36.42 -2.87 -4.54
CA HIS A 198 35.80 -1.99 -3.55
C HIS A 198 35.56 -2.75 -2.24
N CYS A 199 36.26 -3.86 -2.09
CA CYS A 199 36.13 -4.69 -0.90
C CYS A 199 36.69 -4.02 0.34
N ASP A 200 36.04 -4.25 1.48
CA ASP A 200 36.47 -3.69 2.75
C ASP A 200 36.59 -4.87 3.71
N PRO A 201 37.83 -5.26 4.04
CA PRO A 201 38.08 -6.38 4.95
C PRO A 201 37.41 -6.23 6.31
N ALA A 202 36.91 -5.03 6.59
CA ALA A 202 36.26 -4.77 7.87
C ALA A 202 34.98 -5.57 8.05
N THR A 203 34.33 -5.93 6.95
CA THR A 203 33.09 -6.70 7.02
C THR A 203 33.33 -8.04 7.70
N LEU A 204 34.55 -8.55 7.55
CA LEU A 204 34.94 -9.82 8.14
C LEU A 204 35.01 -9.73 9.66
N ASP A 205 35.25 -8.52 10.17
CA ASP A 205 35.34 -8.31 11.61
C ASP A 205 33.98 -7.86 12.16
N ALA A 206 32.97 -7.83 11.30
CA ALA A 206 31.64 -7.42 11.71
C ALA A 206 30.97 -8.55 12.50
N LYS A 207 30.74 -8.29 13.78
CA LYS A 207 30.11 -9.27 14.66
C LYS A 207 28.60 -9.21 14.55
N ASP A 208 28.08 -7.98 14.62
CA ASP A 208 26.65 -7.73 14.55
C ASP A 208 26.19 -7.65 13.09
N PRO A 209 25.00 -8.16 12.78
CA PRO A 209 24.46 -8.13 11.41
C PRO A 209 24.19 -6.71 10.93
N LEU A 210 23.95 -5.80 11.86
CA LEU A 210 23.69 -4.41 11.52
C LEU A 210 24.98 -3.78 11.00
N GLU A 211 26.08 -4.07 11.69
CA GLU A 211 27.39 -3.54 11.31
C GLU A 211 27.77 -4.06 9.92
N ARG A 212 27.43 -5.31 9.65
CA ARG A 212 27.74 -5.91 8.35
C ARG A 212 26.92 -5.23 7.27
N ALA A 213 25.68 -4.88 7.60
CA ALA A 213 24.77 -4.23 6.66
C ALA A 213 25.25 -2.83 6.28
N GLU A 214 25.67 -2.06 7.27
CA GLU A 214 26.16 -0.70 7.03
C GLU A 214 27.31 -0.77 6.03
N LEU A 215 28.25 -1.68 6.26
CA LEU A 215 29.40 -1.88 5.38
C LEU A 215 28.97 -2.33 3.99
N VAL A 216 27.95 -3.17 3.93
CA VAL A 216 27.43 -3.65 2.65
C VAL A 216 26.89 -2.45 1.85
N LEU A 217 26.16 -1.58 2.53
CA LEU A 217 25.59 -0.40 1.90
C LEU A 217 26.71 0.49 1.36
N SER A 218 27.81 0.56 2.09
CA SER A 218 28.95 1.36 1.66
C SER A 218 29.53 0.77 0.39
N HIS A 219 29.82 -0.53 0.42
CA HIS A 219 30.39 -1.21 -0.74
C HIS A 219 29.53 -0.92 -1.97
N ALA A 220 28.22 -0.98 -1.81
CA ALA A 220 27.31 -0.72 -2.91
C ALA A 220 27.42 0.74 -3.37
N GLU A 221 27.59 1.64 -2.41
CA GLU A 221 27.71 3.07 -2.72
C GLU A 221 28.97 3.30 -3.56
N ARG A 222 30.05 2.61 -3.22
CA ARG A 222 31.31 2.74 -3.95
C ARG A 222 31.15 2.37 -5.42
N MET A 223 30.43 1.30 -5.70
CA MET A 223 30.24 0.90 -7.09
C MET A 223 29.12 1.68 -7.78
N ASN A 224 28.76 2.80 -7.16
CA ASN A 224 27.75 3.72 -7.66
C ASN A 224 26.33 3.21 -7.88
N CYS A 225 25.81 2.45 -6.92
CA CYS A 225 24.44 1.98 -7.01
C CYS A 225 23.65 3.13 -6.39
N LYS A 226 22.47 3.42 -6.92
CA LYS A 226 21.68 4.51 -6.36
C LYS A 226 20.81 3.95 -5.23
N ARG A 227 21.46 3.17 -4.37
CA ARG A 227 20.84 2.55 -3.22
C ARG A 227 20.38 3.59 -2.20
N TYR A 228 19.20 3.38 -1.62
CA TYR A 228 18.69 4.33 -0.64
C TYR A 228 18.06 3.71 0.62
N LEU A 229 18.15 2.38 0.75
CA LEU A 229 17.61 1.73 1.95
C LEU A 229 18.64 1.83 3.06
N THR A 230 18.20 1.68 4.30
CA THR A 230 19.10 1.77 5.46
C THR A 230 19.56 0.41 5.95
N ALA A 231 20.54 0.43 6.85
CA ALA A 231 21.09 -0.80 7.44
C ALA A 231 20.01 -1.52 8.25
N GLU A 232 19.10 -0.76 8.85
CA GLU A 232 18.04 -1.33 9.64
C GLU A 232 17.01 -2.05 8.75
N GLU A 233 16.80 -1.51 7.56
CA GLU A 233 15.83 -2.09 6.63
C GLU A 233 16.34 -3.41 6.03
N ILE A 234 17.63 -3.68 6.22
CA ILE A 234 18.22 -4.92 5.71
C ILE A 234 18.14 -6.02 6.76
N VAL A 235 18.42 -5.66 8.01
CA VAL A 235 18.38 -6.62 9.11
C VAL A 235 16.96 -7.02 9.47
N GLU A 236 16.03 -6.08 9.32
CA GLU A 236 14.62 -6.35 9.63
C GLU A 236 13.98 -7.21 8.54
N GLY A 237 14.78 -7.56 7.53
CA GLY A 237 14.30 -8.40 6.45
C GLY A 237 13.17 -7.87 5.59
N SER A 238 13.06 -6.56 5.45
CA SER A 238 12.00 -5.97 4.64
C SER A 238 12.07 -6.52 3.23
N SER A 239 11.13 -7.38 2.89
CA SER A 239 11.07 -8.02 1.58
C SER A 239 11.01 -7.07 0.37
N THR A 240 10.17 -6.05 0.45
CA THR A 240 10.03 -5.11 -0.65
C THR A 240 11.27 -4.24 -0.87
N LEU A 241 11.84 -3.75 0.23
CA LEU A 241 13.02 -2.89 0.15
C LEU A 241 14.28 -3.65 -0.27
N ASN A 242 14.46 -4.87 0.22
CA ASN A 242 15.63 -5.66 -0.13
C ASN A 242 15.59 -6.12 -1.58
N LEU A 243 14.41 -6.49 -2.05
CA LEU A 243 14.24 -6.94 -3.44
C LEU A 243 14.73 -5.84 -4.37
N ALA A 244 14.36 -4.61 -4.07
CA ALA A 244 14.76 -3.45 -4.87
C ALA A 244 16.28 -3.31 -4.89
N PHE A 245 16.90 -3.45 -3.72
CA PHE A 245 18.35 -3.34 -3.60
C PHE A 245 19.07 -4.37 -4.45
N VAL A 246 18.61 -5.61 -4.42
CA VAL A 246 19.24 -6.66 -5.21
C VAL A 246 19.13 -6.32 -6.69
N ALA A 247 17.97 -5.78 -7.08
CA ALA A 247 17.76 -5.40 -8.48
C ALA A 247 18.71 -4.26 -8.85
N GLN A 248 18.88 -3.31 -7.93
CA GLN A 248 19.76 -2.17 -8.16
C GLN A 248 21.20 -2.63 -8.35
N ILE A 249 21.60 -3.68 -7.62
CA ILE A 249 22.95 -4.21 -7.75
C ILE A 249 23.07 -4.74 -9.17
N PHE A 250 22.09 -5.56 -9.56
CA PHE A 250 22.05 -6.17 -10.88
C PHE A 250 22.18 -5.14 -12.00
N HIS A 251 21.33 -4.13 -11.97
CA HIS A 251 21.35 -3.08 -12.99
C HIS A 251 22.67 -2.34 -13.09
N GLU A 252 23.41 -2.28 -11.98
CA GLU A 252 24.69 -1.59 -11.98
C GLU A 252 25.82 -2.50 -12.48
N ARG A 253 25.72 -3.80 -12.17
CA ARG A 253 26.71 -4.78 -12.58
C ARG A 253 26.15 -6.18 -12.55
N ASN A 254 25.75 -6.71 -13.71
CA ASN A 254 25.20 -8.04 -13.79
C ASN A 254 26.31 -9.10 -13.71
N GLY A 255 27.54 -8.67 -13.94
CA GLY A 255 28.67 -9.59 -13.88
C GLY A 255 28.57 -10.72 -14.88
N LEU A 256 28.07 -10.41 -16.07
CA LEU A 256 27.93 -11.41 -17.12
C LEU A 256 28.86 -11.06 -18.27
N ASN A 257 29.50 -12.07 -18.84
CA ASN A 257 30.43 -11.87 -19.95
C ASN A 257 29.82 -10.98 -21.02
N ASP A 271 10.26 -13.83 -37.62
CA ASP A 271 9.57 -14.33 -36.39
C ASP A 271 9.71 -13.34 -35.25
N VAL A 272 10.33 -12.20 -35.52
CA VAL A 272 10.53 -11.17 -34.51
C VAL A 272 9.28 -10.29 -34.42
N GLU A 273 8.42 -10.38 -35.43
CA GLU A 273 7.18 -9.60 -35.45
C GLU A 273 6.21 -10.17 -34.43
N THR A 274 6.38 -11.46 -34.13
CA THR A 274 5.53 -12.14 -33.15
C THR A 274 5.77 -11.56 -31.76
N CYS A 275 7.02 -11.23 -31.48
CA CYS A 275 7.39 -10.66 -30.19
C CYS A 275 6.83 -9.24 -30.06
N ARG A 276 6.83 -8.50 -31.16
CA ARG A 276 6.31 -7.14 -31.16
C ARG A 276 4.79 -7.12 -31.01
N ASP A 277 4.11 -8.01 -31.72
CA ASP A 277 2.66 -8.09 -31.62
C ASP A 277 2.28 -8.53 -30.21
N GLU A 278 3.08 -9.42 -29.62
CA GLU A 278 2.80 -9.88 -28.28
C GLU A 278 2.76 -8.69 -27.33
N ARG A 279 3.74 -7.80 -27.46
CA ARG A 279 3.79 -6.62 -26.60
C ARG A 279 2.62 -5.69 -26.89
N CYS A 280 2.41 -5.40 -28.18
CA CYS A 280 1.35 -4.50 -28.62
C CYS A 280 -0.05 -4.83 -28.08
N TYR A 281 -0.53 -6.03 -28.37
CA TYR A 281 -1.86 -6.43 -27.92
C TYR A 281 -1.94 -6.59 -26.41
N ARG A 282 -0.80 -6.90 -25.79
CA ARG A 282 -0.77 -7.06 -24.34
C ARG A 282 -1.04 -5.71 -23.71
N LEU A 283 -0.37 -4.68 -24.22
CA LEU A 283 -0.52 -3.32 -23.71
C LEU A 283 -1.92 -2.79 -23.99
N TRP A 284 -2.45 -3.11 -25.18
CA TRP A 284 -3.78 -2.67 -25.56
C TRP A 284 -4.85 -3.26 -24.65
N ILE A 285 -4.78 -4.57 -24.44
CA ILE A 285 -5.75 -5.26 -23.58
C ILE A 285 -5.75 -4.72 -22.16
N ASN A 286 -4.57 -4.40 -21.63
CA ASN A 286 -4.44 -3.90 -20.27
C ASN A 286 -4.92 -2.46 -20.07
N SER A 287 -5.27 -1.78 -21.16
CA SER A 287 -5.73 -0.39 -21.08
C SER A 287 -7.23 -0.28 -21.39
N LEU A 288 -7.85 -1.42 -21.68
CA LEU A 288 -9.28 -1.45 -22.02
C LEU A 288 -10.22 -1.35 -20.82
N GLY A 289 -9.69 -1.49 -19.62
CA GLY A 289 -10.53 -1.43 -18.43
C GLY A 289 -10.98 -2.82 -18.03
N ILE A 290 -10.29 -3.82 -18.56
CA ILE A 290 -10.56 -5.23 -18.29
C ILE A 290 -10.22 -5.55 -16.84
N ASP A 291 -10.88 -6.56 -16.27
CA ASP A 291 -10.63 -6.95 -14.88
C ASP A 291 -9.41 -7.84 -14.70
N SER A 292 -8.95 -8.45 -15.79
CA SER A 292 -7.78 -9.33 -15.72
C SER A 292 -6.57 -8.59 -16.26
N TYR A 293 -5.38 -8.97 -15.81
CA TYR A 293 -4.15 -8.34 -16.26
C TYR A 293 -3.38 -9.34 -17.11
N VAL A 294 -2.85 -8.88 -18.24
CA VAL A 294 -2.10 -9.73 -19.15
C VAL A 294 -0.59 -9.55 -19.03
N ASN A 295 0.11 -10.63 -18.69
CA ASN A 295 1.57 -10.61 -18.57
C ASN A 295 2.15 -11.20 -19.84
N ASN A 296 1.38 -12.05 -20.51
CA ASN A 296 1.78 -12.69 -21.75
C ASN A 296 0.53 -13.14 -22.51
N VAL A 297 0.20 -12.42 -23.58
CA VAL A 297 -1.00 -12.72 -24.36
C VAL A 297 -1.13 -14.15 -24.85
N PHE A 298 -0.01 -14.73 -25.29
CA PHE A 298 -0.03 -16.10 -25.81
C PHE A 298 -0.37 -17.14 -24.76
N GLU A 299 0.01 -16.88 -23.51
CA GLU A 299 -0.28 -17.82 -22.42
C GLU A 299 -1.57 -17.51 -21.68
N ASP A 300 -1.69 -16.26 -21.22
CA ASP A 300 -2.84 -15.83 -20.44
C ASP A 300 -4.18 -15.81 -21.16
N VAL A 301 -4.18 -16.09 -22.46
CA VAL A 301 -5.41 -16.07 -23.24
C VAL A 301 -5.98 -17.47 -23.53
N ARG A 302 -5.22 -18.50 -23.19
CA ARG A 302 -5.60 -19.89 -23.44
C ARG A 302 -6.83 -20.48 -22.73
N ASN A 303 -7.27 -19.89 -21.62
CA ASN A 303 -8.46 -20.46 -20.98
C ASN A 303 -9.72 -19.72 -21.42
N GLY A 304 -9.56 -18.84 -22.40
CA GLY A 304 -10.68 -18.09 -22.96
C GLY A 304 -11.34 -16.96 -22.21
N TRP A 305 -11.10 -16.84 -20.90
CA TRP A 305 -11.73 -15.79 -20.11
C TRP A 305 -11.40 -14.37 -20.57
N ILE A 306 -10.12 -14.02 -20.61
CA ILE A 306 -9.71 -12.68 -21.01
C ILE A 306 -10.33 -12.26 -22.35
N LEU A 307 -10.29 -13.16 -23.33
CA LEU A 307 -10.85 -12.84 -24.64
C LEU A 307 -12.34 -12.55 -24.55
N LEU A 308 -13.03 -13.18 -23.61
CA LEU A 308 -14.46 -12.92 -23.46
C LEU A 308 -14.63 -11.51 -22.92
N GLU A 309 -13.75 -11.12 -21.99
CA GLU A 309 -13.80 -9.80 -21.39
C GLU A 309 -13.59 -8.72 -22.45
N VAL A 310 -12.58 -8.90 -23.29
CA VAL A 310 -12.30 -7.94 -24.35
C VAL A 310 -13.51 -7.84 -25.28
N LEU A 311 -14.16 -8.96 -25.55
CA LEU A 311 -15.33 -8.97 -26.42
C LEU A 311 -16.49 -8.20 -25.80
N ASP A 312 -16.67 -8.36 -24.49
CA ASP A 312 -17.76 -7.68 -23.80
C ASP A 312 -17.54 -6.16 -23.75
N LYS A 313 -16.28 -5.75 -23.79
CA LYS A 313 -15.93 -4.32 -23.76
C LYS A 313 -16.08 -3.68 -25.14
N VAL A 314 -15.52 -4.35 -26.15
CA VAL A 314 -15.58 -3.85 -27.52
C VAL A 314 -16.96 -3.99 -28.15
N SER A 315 -17.75 -4.95 -27.65
CA SER A 315 -19.11 -5.18 -28.15
C SER A 315 -20.02 -5.53 -26.97
N PRO A 316 -20.42 -4.52 -26.19
CA PRO A 316 -21.28 -4.64 -25.01
C PRO A 316 -22.44 -5.64 -25.13
N SER A 317 -22.61 -6.44 -24.08
CA SER A 317 -23.68 -7.43 -24.00
C SER A 317 -23.56 -8.57 -25.01
N SER A 318 -22.42 -8.66 -25.69
CA SER A 318 -22.24 -9.72 -26.68
C SER A 318 -21.97 -11.08 -26.03
N VAL A 319 -21.36 -11.06 -24.84
CA VAL A 319 -21.02 -12.30 -24.15
C VAL A 319 -22.08 -12.79 -23.18
N ASN A 320 -22.35 -14.09 -23.22
CA ASN A 320 -23.31 -14.72 -22.33
C ASN A 320 -22.50 -15.40 -21.22
N TRP A 321 -22.36 -14.71 -20.10
CA TRP A 321 -21.60 -15.20 -18.97
C TRP A 321 -22.21 -16.41 -18.26
N LYS A 322 -23.46 -16.71 -18.58
CA LYS A 322 -24.14 -17.85 -17.97
C LYS A 322 -23.53 -19.14 -18.53
N HIS A 323 -22.85 -19.04 -19.66
CA HIS A 323 -22.23 -20.20 -20.30
C HIS A 323 -20.71 -20.12 -20.29
N ALA A 324 -20.16 -19.30 -19.39
CA ALA A 324 -18.72 -19.13 -19.29
C ALA A 324 -18.26 -19.50 -17.90
N SER A 325 -17.00 -19.90 -17.77
CA SER A 325 -16.44 -20.29 -16.49
C SER A 325 -15.27 -19.39 -16.11
N LYS A 326 -15.36 -18.81 -14.91
CA LYS A 326 -14.35 -17.90 -14.41
C LYS A 326 -13.17 -18.64 -13.77
N PRO A 327 -11.93 -18.22 -14.11
CA PRO A 327 -10.72 -18.86 -13.56
C PRO A 327 -10.56 -18.62 -12.07
N PRO A 328 -9.70 -19.40 -11.40
CA PRO A 328 -8.89 -20.48 -11.98
C PRO A 328 -9.72 -21.62 -12.55
N ILE A 329 -9.22 -22.23 -13.62
CA ILE A 329 -9.91 -23.34 -14.26
C ILE A 329 -9.03 -24.58 -14.33
N LYS A 330 -9.53 -25.69 -13.80
CA LYS A 330 -8.81 -26.94 -13.81
C LYS A 330 -9.41 -27.84 -14.88
N MET A 331 -10.74 -27.90 -14.89
CA MET A 331 -11.47 -28.70 -15.84
C MET A 331 -11.28 -28.18 -17.27
N PRO A 332 -10.71 -29.02 -18.15
CA PRO A 332 -10.48 -28.63 -19.55
C PRO A 332 -11.75 -28.32 -20.32
N PHE A 333 -12.85 -28.96 -19.96
CA PHE A 333 -14.12 -28.72 -20.64
C PHE A 333 -14.49 -27.24 -20.56
N ARG A 334 -14.32 -26.65 -19.38
CA ARG A 334 -14.66 -25.26 -19.18
C ARG A 334 -13.79 -24.31 -20.01
N LYS A 335 -12.56 -24.74 -20.31
CA LYS A 335 -11.65 -23.93 -21.11
C LYS A 335 -12.11 -23.92 -22.56
N VAL A 336 -12.39 -25.11 -23.09
CA VAL A 336 -12.83 -25.25 -24.47
C VAL A 336 -14.16 -24.55 -24.70
N GLU A 337 -15.03 -24.56 -23.69
CA GLU A 337 -16.33 -23.92 -23.82
C GLU A 337 -16.18 -22.39 -23.94
N ASN A 338 -15.31 -21.81 -23.12
CA ASN A 338 -15.10 -20.37 -23.16
C ASN A 338 -14.58 -19.95 -24.53
N CYS A 339 -13.56 -20.65 -25.01
CA CYS A 339 -12.95 -20.35 -26.29
C CYS A 339 -13.91 -20.54 -27.47
N ASN A 340 -14.84 -21.48 -27.38
CA ASN A 340 -15.80 -21.68 -28.45
C ASN A 340 -16.77 -20.52 -28.52
N GLN A 341 -17.10 -19.91 -27.38
CA GLN A 341 -18.01 -18.77 -27.41
C GLN A 341 -17.24 -17.61 -28.02
N VAL A 342 -15.94 -17.55 -27.73
CA VAL A 342 -15.09 -16.51 -28.26
C VAL A 342 -15.12 -16.57 -29.79
N ILE A 343 -14.98 -17.78 -30.32
CA ILE A 343 -14.99 -17.97 -31.77
C ILE A 343 -16.36 -17.65 -32.33
N LYS A 344 -17.42 -18.11 -31.66
CA LYS A 344 -18.76 -17.85 -32.14
C LYS A 344 -19.03 -16.35 -32.29
N ILE A 345 -18.82 -15.60 -31.21
CA ILE A 345 -19.04 -14.15 -31.25
C ILE A 345 -18.15 -13.50 -32.30
N GLY A 346 -16.96 -14.08 -32.51
CA GLY A 346 -16.05 -13.53 -33.49
C GLY A 346 -16.63 -13.65 -34.89
N LYS A 347 -17.18 -14.82 -35.20
CA LYS A 347 -17.77 -15.05 -36.51
C LYS A 347 -19.06 -14.24 -36.68
N GLN A 348 -19.76 -14.02 -35.57
CA GLN A 348 -20.98 -13.24 -35.61
C GLN A 348 -20.66 -11.79 -35.97
N LEU A 349 -19.49 -11.32 -35.53
CA LEU A 349 -19.06 -9.96 -35.82
C LEU A 349 -18.46 -9.87 -37.22
N LYS A 350 -18.63 -10.95 -37.99
CA LYS A 350 -18.15 -11.03 -39.36
C LYS A 350 -16.63 -11.13 -39.48
N PHE A 351 -15.95 -11.50 -38.41
CA PHE A 351 -14.50 -11.65 -38.45
C PHE A 351 -14.16 -12.84 -39.36
N SER A 352 -12.89 -12.95 -39.72
CA SER A 352 -12.45 -14.04 -40.59
C SER A 352 -11.72 -15.13 -39.80
N LEU A 353 -12.41 -16.25 -39.55
CA LEU A 353 -11.84 -17.36 -38.82
C LEU A 353 -12.14 -18.65 -39.58
N VAL A 354 -11.13 -19.18 -40.27
CA VAL A 354 -11.31 -20.39 -41.05
C VAL A 354 -10.45 -21.55 -40.57
N ASN A 355 -11.07 -22.73 -40.46
CA ASN A 355 -10.39 -23.94 -40.04
C ASN A 355 -9.91 -23.87 -38.60
N VAL A 356 -10.64 -23.13 -37.77
CA VAL A 356 -10.29 -22.99 -36.37
C VAL A 356 -11.51 -23.17 -35.48
N ALA A 357 -11.25 -23.33 -34.19
CA ALA A 357 -12.31 -23.50 -33.21
C ALA A 357 -11.75 -23.13 -31.85
N GLY A 358 -12.55 -23.32 -30.81
CA GLY A 358 -12.11 -22.99 -29.46
C GLY A 358 -10.83 -23.65 -29.01
N ASN A 359 -10.66 -24.94 -29.30
CA ASN A 359 -9.46 -25.65 -28.87
C ASN A 359 -8.18 -25.10 -29.49
N ASP A 360 -8.31 -24.27 -30.52
CA ASP A 360 -7.13 -23.67 -31.16
C ASP A 360 -6.55 -22.61 -30.22
N ILE A 361 -7.43 -21.90 -29.51
CA ILE A 361 -7.00 -20.88 -28.56
C ILE A 361 -6.36 -21.57 -27.36
N VAL A 362 -7.00 -22.65 -26.91
CA VAL A 362 -6.51 -23.43 -25.77
C VAL A 362 -5.14 -24.01 -26.08
N GLN A 363 -4.92 -24.41 -27.32
CA GLN A 363 -3.64 -25.00 -27.73
C GLN A 363 -2.58 -23.94 -27.99
N GLY A 364 -2.98 -22.68 -27.85
CA GLY A 364 -2.04 -21.59 -28.05
C GLY A 364 -1.71 -21.22 -29.49
N ASN A 365 -2.60 -21.51 -30.42
CA ASN A 365 -2.36 -21.17 -31.83
C ASN A 365 -2.07 -19.67 -31.88
N LYS A 366 -0.79 -19.32 -31.99
CA LYS A 366 -0.37 -17.92 -32.01
C LYS A 366 -0.85 -17.16 -33.25
N LYS A 367 -0.91 -17.86 -34.37
CA LYS A 367 -1.34 -17.26 -35.62
C LYS A 367 -2.82 -16.86 -35.52
N LEU A 368 -3.62 -17.68 -34.86
CA LEU A 368 -5.04 -17.40 -34.69
C LEU A 368 -5.25 -16.33 -33.63
N ILE A 369 -4.50 -16.44 -32.53
CA ILE A 369 -4.61 -15.48 -31.45
C ILE A 369 -4.27 -14.07 -31.90
N LEU A 370 -3.21 -13.92 -32.69
CA LEU A 370 -2.81 -12.61 -33.20
C LEU A 370 -3.86 -12.10 -34.20
N GLY A 371 -4.37 -13.00 -35.03
CA GLY A 371 -5.37 -12.62 -36.02
C GLY A 371 -6.67 -12.16 -35.37
N LEU A 372 -7.08 -12.86 -34.32
CA LEU A 372 -8.30 -12.53 -33.60
C LEU A 372 -8.13 -11.19 -32.88
N LEU A 373 -6.96 -10.99 -32.29
CA LEU A 373 -6.68 -9.75 -31.57
C LEU A 373 -6.66 -8.53 -32.48
N TRP A 374 -6.00 -8.66 -33.63
CA TRP A 374 -5.94 -7.56 -34.59
C TRP A 374 -7.36 -7.10 -34.93
N GLN A 375 -8.17 -8.04 -35.42
CA GLN A 375 -9.54 -7.75 -35.78
C GLN A 375 -10.35 -7.15 -34.63
N LEU A 376 -10.01 -7.53 -33.40
CA LEU A 376 -10.69 -6.98 -32.23
C LEU A 376 -10.29 -5.53 -32.09
N MET A 377 -9.00 -5.26 -32.25
CA MET A 377 -8.45 -3.91 -32.14
C MET A 377 -9.03 -2.99 -33.22
N ARG A 378 -9.06 -3.48 -34.45
CA ARG A 378 -9.59 -2.72 -35.58
C ARG A 378 -11.09 -2.51 -35.43
N PHE A 379 -11.79 -3.52 -34.91
CA PHE A 379 -13.23 -3.45 -34.72
C PHE A 379 -13.57 -2.36 -33.70
N HIS A 380 -12.84 -2.34 -32.58
CA HIS A 380 -13.09 -1.36 -31.54
C HIS A 380 -12.81 0.05 -32.04
N MET A 381 -11.75 0.20 -32.81
CA MET A 381 -11.38 1.50 -33.35
C MET A 381 -12.47 2.06 -34.26
N LEU A 382 -12.96 1.23 -35.17
CA LEU A 382 -14.00 1.66 -36.10
C LEU A 382 -15.29 1.99 -35.36
N GLN A 383 -15.62 1.20 -34.35
CA GLN A 383 -16.83 1.43 -33.57
C GLN A 383 -16.74 2.77 -32.84
N LEU A 384 -15.56 3.07 -32.31
CA LEU A 384 -15.35 4.34 -31.60
C LEU A 384 -15.57 5.51 -32.54
N LEU A 385 -14.96 5.46 -33.71
CA LEU A 385 -15.10 6.53 -34.70
C LEU A 385 -16.58 6.67 -35.08
N LYS A 386 -17.22 5.54 -35.29
CA LYS A 386 -18.63 5.50 -35.67
C LYS A 386 -19.54 6.20 -34.65
N SER A 387 -19.19 6.11 -33.37
CA SER A 387 -20.00 6.73 -32.33
C SER A 387 -19.93 8.25 -32.37
N LEU A 388 -19.07 8.78 -33.23
CA LEU A 388 -18.91 10.22 -33.35
C LEU A 388 -19.86 10.81 -34.39
N ARG A 389 -20.53 9.92 -35.13
CA ARG A 389 -21.47 10.33 -36.17
C ARG A 389 -22.60 11.18 -35.62
N SER A 390 -23.43 11.72 -36.52
CA SER A 390 -24.56 12.56 -36.15
C SER A 390 -24.11 13.77 -35.35
N GLU A 396 -20.86 2.21 -40.39
CA GLU A 396 -20.25 1.47 -41.53
C GLU A 396 -18.90 2.05 -41.95
N MET A 397 -18.02 2.23 -40.98
CA MET A 397 -16.69 2.77 -41.22
C MET A 397 -15.82 1.77 -41.97
N THR A 398 -14.81 2.29 -42.68
CA THR A 398 -13.89 1.44 -43.43
C THR A 398 -12.50 2.03 -43.33
N ASP A 399 -11.50 1.23 -43.66
CA ASP A 399 -10.11 1.69 -43.61
C ASP A 399 -9.98 2.86 -44.59
N ALA A 400 -10.64 2.74 -45.72
CA ALA A 400 -10.61 3.76 -46.77
C ALA A 400 -11.14 5.12 -46.29
N ASP A 401 -12.16 5.11 -45.43
CA ASP A 401 -12.71 6.36 -44.93
C ASP A 401 -11.68 7.09 -44.07
N ILE A 402 -10.84 6.30 -43.39
CA ILE A 402 -9.80 6.85 -42.54
C ILE A 402 -8.70 7.42 -43.41
N LEU A 403 -8.37 6.71 -44.47
CA LEU A 403 -7.34 7.13 -45.42
C LEU A 403 -7.78 8.46 -46.03
N SER A 404 -9.06 8.53 -46.41
CA SER A 404 -9.61 9.74 -47.01
C SER A 404 -9.57 10.92 -46.05
N TRP A 405 -9.95 10.67 -44.79
CA TRP A 405 -9.94 11.72 -43.78
C TRP A 405 -8.55 12.33 -43.58
N ALA A 406 -7.54 11.48 -43.44
CA ALA A 406 -6.17 11.93 -43.23
C ALA A 406 -5.67 12.80 -44.38
N ASN A 407 -5.83 12.32 -45.61
CA ASN A 407 -5.39 13.09 -46.77
C ASN A 407 -6.13 14.42 -46.85
N ARG A 408 -7.44 14.37 -46.65
CA ARG A 408 -8.27 15.57 -46.72
C ARG A 408 -7.91 16.56 -45.61
N LYS A 409 -7.66 16.04 -44.40
CA LYS A 409 -7.31 16.88 -43.27
C LYS A 409 -6.02 17.67 -43.50
N VAL A 410 -5.05 17.05 -44.16
CA VAL A 410 -3.79 17.72 -44.43
C VAL A 410 -3.96 18.79 -45.51
N ARG A 411 -4.82 18.53 -46.48
CA ARG A 411 -5.06 19.49 -47.54
C ARG A 411 -5.69 20.80 -47.07
N THR A 412 -6.26 20.79 -45.86
CA THR A 412 -6.88 22.00 -45.34
C THR A 412 -5.84 22.98 -44.81
N MET A 413 -4.61 22.51 -44.62
CA MET A 413 -3.55 23.36 -44.12
C MET A 413 -2.72 23.94 -45.26
N GLY A 414 -3.11 23.61 -46.49
CA GLY A 414 -2.41 24.12 -47.64
C GLY A 414 -1.30 23.23 -48.16
N ARG A 415 -1.06 22.11 -47.48
CA ARG A 415 -0.02 21.18 -47.89
C ARG A 415 -0.55 20.22 -48.95
N LYS A 416 0.32 19.78 -49.84
CA LYS A 416 -0.07 18.88 -50.93
C LYS A 416 0.33 17.41 -50.75
N LEU A 417 1.17 17.10 -49.76
CA LEU A 417 1.59 15.72 -49.54
C LEU A 417 0.40 14.85 -49.15
N GLN A 418 0.29 13.70 -49.80
CA GLN A 418 -0.79 12.75 -49.56
C GLN A 418 -0.22 11.34 -49.58
N ILE A 419 -1.07 10.36 -49.28
CA ILE A 419 -0.65 8.96 -49.30
C ILE A 419 -1.66 8.13 -50.06
N GLU A 420 -1.20 7.09 -50.74
CA GLU A 420 -2.09 6.23 -51.51
C GLU A 420 -2.68 5.13 -50.64
N SER A 421 -2.04 4.86 -49.51
CA SER A 421 -2.50 3.82 -48.59
C SER A 421 -1.67 3.87 -47.31
N PHE A 422 -2.06 3.06 -46.34
CA PHE A 422 -1.35 3.01 -45.06
C PHE A 422 -0.11 2.13 -45.16
N LYS A 423 0.22 1.74 -46.39
CA LYS A 423 1.38 0.91 -46.67
C LYS A 423 2.38 1.75 -47.46
N ASP A 424 1.97 2.96 -47.81
CA ASP A 424 2.79 3.89 -48.57
C ASP A 424 4.20 4.02 -47.98
N LYS A 425 5.18 3.69 -48.81
CA LYS A 425 6.60 3.72 -48.43
C LYS A 425 7.09 5.06 -47.88
N SER A 426 6.58 6.16 -48.44
CA SER A 426 6.99 7.49 -48.01
C SER A 426 6.65 7.78 -46.55
N LEU A 427 5.78 6.97 -45.97
CA LEU A 427 5.38 7.16 -44.58
C LEU A 427 6.55 7.09 -43.61
N SER A 428 7.55 6.28 -43.95
CA SER A 428 8.73 6.10 -43.10
C SER A 428 9.44 7.38 -42.71
N SER A 429 9.30 8.44 -43.51
CA SER A 429 9.95 9.70 -43.22
C SER A 429 9.34 10.35 -41.99
N GLY A 430 8.04 10.13 -41.80
CA GLY A 430 7.35 10.69 -40.65
C GLY A 430 6.80 12.09 -40.91
N LEU A 431 7.09 12.60 -42.10
CA LEU A 431 6.65 13.94 -42.47
C LEU A 431 5.12 14.06 -42.57
N PHE A 432 4.49 13.04 -43.15
CA PHE A 432 3.04 13.05 -43.28
C PHE A 432 2.35 13.14 -41.92
N PHE A 433 2.70 12.24 -41.02
CA PHE A 433 2.11 12.22 -39.69
C PHE A 433 2.26 13.57 -38.98
N LEU A 434 3.47 14.13 -39.03
CA LEU A 434 3.73 15.40 -38.38
C LEU A 434 2.90 16.53 -38.97
N ASN A 435 2.62 16.44 -40.28
CA ASN A 435 1.80 17.44 -40.93
C ASN A 435 0.35 17.25 -40.50
N LEU A 436 -0.09 15.99 -40.44
CA LEU A 436 -1.45 15.66 -40.03
C LEU A 436 -1.67 16.12 -38.58
N LEU A 437 -0.71 15.82 -37.72
CA LEU A 437 -0.79 16.22 -36.32
C LEU A 437 -0.80 17.74 -36.21
N TRP A 438 0.00 18.38 -37.05
CA TRP A 438 0.10 19.83 -37.07
C TRP A 438 -1.25 20.38 -37.54
N ALA A 439 -1.85 19.70 -38.51
CA ALA A 439 -3.14 20.10 -39.04
C ALA A 439 -4.19 20.03 -37.94
N VAL A 440 -4.17 18.95 -37.17
CA VAL A 440 -5.11 18.76 -36.08
C VAL A 440 -4.94 19.81 -35.00
N GLU A 441 -3.70 19.98 -34.52
CA GLU A 441 -3.40 20.95 -33.49
C GLU A 441 -1.98 21.47 -33.66
N PRO A 442 -1.80 22.56 -34.42
CA PRO A 442 -0.48 23.15 -34.67
C PRO A 442 0.33 23.44 -33.42
N ARG A 443 -0.35 23.64 -32.30
CA ARG A 443 0.32 23.94 -31.04
C ARG A 443 1.10 22.77 -30.44
N VAL A 444 0.88 21.55 -30.92
CA VAL A 444 1.59 20.39 -30.39
C VAL A 444 2.78 19.93 -31.23
N VAL A 445 3.01 20.59 -32.35
CA VAL A 445 4.14 20.22 -33.20
C VAL A 445 5.12 21.38 -33.39
N ASN A 446 6.32 21.21 -32.85
CA ASN A 446 7.36 22.23 -32.99
C ASN A 446 8.23 21.77 -34.15
N TRP A 447 8.14 22.48 -35.27
CA TRP A 447 8.90 22.10 -36.45
C TRP A 447 10.41 22.26 -36.38
N ASN A 448 10.90 23.03 -35.41
CA ASN A 448 12.34 23.18 -35.27
C ASN A 448 12.89 21.83 -34.83
N LEU A 449 12.04 21.06 -34.16
CA LEU A 449 12.41 19.74 -33.64
C LEU A 449 12.28 18.60 -34.65
N VAL A 450 11.55 18.85 -35.73
CA VAL A 450 11.36 17.83 -36.76
C VAL A 450 12.53 17.79 -37.72
N THR A 451 12.82 16.60 -38.25
CA THR A 451 13.92 16.44 -39.20
C THR A 451 13.38 15.94 -40.53
N LYS A 452 14.28 15.74 -41.48
CA LYS A 452 13.90 15.22 -42.79
C LYS A 452 13.80 13.71 -42.59
N GLY A 453 12.97 13.05 -43.40
CA GLY A 453 12.83 11.61 -43.27
C GLY A 453 13.75 10.90 -44.24
N GLU A 454 15.05 11.15 -44.12
CA GLU A 454 16.02 10.55 -45.02
C GLU A 454 16.83 9.42 -44.38
N THR A 455 17.77 9.77 -43.52
CA THR A 455 18.60 8.76 -42.86
C THR A 455 17.76 7.95 -41.86
N ASP A 456 18.21 6.73 -41.58
CA ASP A 456 17.50 5.87 -40.64
C ASP A 456 17.45 6.52 -39.26
N ASP A 457 18.43 7.38 -38.98
CA ASP A 457 18.50 8.06 -37.70
C ASP A 457 17.45 9.18 -37.65
N GLU A 458 17.36 9.94 -38.74
CA GLU A 458 16.40 11.03 -38.85
C GLU A 458 14.98 10.52 -38.74
N LYS A 459 14.70 9.40 -39.40
CA LYS A 459 13.37 8.80 -39.37
C LYS A 459 13.05 8.34 -37.96
N ARG A 460 14.01 7.66 -37.35
CA ARG A 460 13.86 7.15 -35.99
C ARG A 460 13.49 8.29 -35.05
N LEU A 461 14.12 9.44 -35.27
CA LEU A 461 13.88 10.61 -34.44
C LEU A 461 12.47 11.18 -34.59
N ASN A 462 11.98 11.27 -35.82
CA ASN A 462 10.63 11.80 -36.04
C ASN A 462 9.61 10.82 -35.46
N ALA A 463 9.80 9.54 -35.77
CA ALA A 463 8.91 8.48 -35.29
C ALA A 463 8.68 8.59 -33.79
N THR A 464 9.77 8.64 -33.01
CA THR A 464 9.66 8.74 -31.57
C THR A 464 8.94 10.02 -31.18
N TYR A 465 9.12 11.07 -31.98
CA TYR A 465 8.50 12.35 -31.70
C TYR A 465 7.00 12.23 -32.00
N ILE A 466 6.68 11.56 -33.09
CA ILE A 466 5.29 11.35 -33.50
C ILE A 466 4.49 10.61 -32.42
N VAL A 467 5.07 9.51 -31.94
CA VAL A 467 4.41 8.70 -30.92
C VAL A 467 4.12 9.47 -29.64
N SER A 468 5.03 10.35 -29.25
CA SER A 468 4.85 11.16 -28.05
C SER A 468 3.85 12.30 -28.24
N VAL A 469 3.89 12.95 -29.41
CA VAL A 469 2.96 14.04 -29.68
C VAL A 469 1.54 13.50 -29.75
N ALA A 470 1.38 12.34 -30.41
CA ALA A 470 0.06 11.72 -30.53
C ALA A 470 -0.52 11.42 -29.15
N ARG A 471 0.32 10.92 -28.25
CA ARG A 471 -0.12 10.60 -26.90
C ARG A 471 -0.44 11.87 -26.15
N LYS A 472 0.27 12.94 -26.51
CA LYS A 472 0.08 14.24 -25.90
C LYS A 472 -1.32 14.75 -26.23
N LEU A 473 -1.83 14.36 -27.40
CA LEU A 473 -3.16 14.76 -27.84
C LEU A 473 -4.26 13.93 -27.17
N GLY A 474 -3.93 12.67 -26.87
CA GLY A 474 -4.89 11.80 -26.23
C GLY A 474 -4.94 10.43 -26.86
N CYS A 475 -4.13 10.23 -27.90
CA CYS A 475 -4.11 8.95 -28.60
C CYS A 475 -3.47 7.86 -27.74
N SER A 476 -4.26 6.83 -27.44
CA SER A 476 -3.79 5.71 -26.63
C SER A 476 -3.29 4.63 -27.60
N VAL A 477 -2.13 4.88 -28.20
CA VAL A 477 -1.53 3.95 -29.15
C VAL A 477 -0.36 3.18 -28.55
N PHE A 478 -0.04 2.03 -29.13
CA PHE A 478 1.06 1.22 -28.60
C PHE A 478 2.07 0.74 -29.62
N LEU A 479 2.08 1.35 -30.80
CA LEU A 479 3.04 0.96 -31.83
C LEU A 479 4.41 1.47 -31.38
N LEU A 480 5.47 0.90 -31.95
CA LEU A 480 6.83 1.31 -31.62
C LEU A 480 7.28 2.28 -32.70
N PRO A 481 8.22 3.18 -32.38
CA PRO A 481 8.72 4.16 -33.35
C PRO A 481 9.10 3.47 -34.66
N GLU A 482 9.73 2.30 -34.54
CA GLU A 482 10.14 1.54 -35.71
C GLU A 482 8.96 1.03 -36.54
N ASP A 483 7.75 1.12 -35.98
CA ASP A 483 6.56 0.68 -36.70
C ASP A 483 6.23 1.69 -37.79
N ILE A 484 6.74 2.92 -37.62
CA ILE A 484 6.53 3.97 -38.60
C ILE A 484 7.67 3.94 -39.62
N VAL A 485 8.88 3.72 -39.14
CA VAL A 485 10.06 3.67 -39.99
C VAL A 485 10.01 2.50 -40.96
N GLU A 486 9.42 1.38 -40.51
CA GLU A 486 9.31 0.19 -41.34
C GLU A 486 7.95 0.09 -42.01
N VAL A 487 7.09 1.06 -41.70
CA VAL A 487 5.74 1.14 -42.27
C VAL A 487 4.89 -0.12 -42.06
N ASN A 488 4.50 -0.35 -40.80
CA ASN A 488 3.64 -1.49 -40.45
C ASN A 488 2.22 -0.98 -40.69
N GLN A 489 1.68 -1.28 -41.87
CA GLN A 489 0.36 -0.79 -42.25
C GLN A 489 -0.76 -0.95 -41.23
N LYS A 490 -0.79 -2.07 -40.53
CA LYS A 490 -1.83 -2.28 -39.53
C LYS A 490 -1.69 -1.25 -38.39
N MET A 491 -0.46 -1.01 -37.95
CA MET A 491 -0.21 -0.05 -36.89
C MET A 491 -0.41 1.37 -37.40
N ILE A 492 -0.12 1.59 -38.68
CA ILE A 492 -0.29 2.90 -39.29
C ILE A 492 -1.77 3.26 -39.27
N LEU A 493 -2.61 2.30 -39.68
CA LEU A 493 -4.05 2.49 -39.73
C LEU A 493 -4.60 2.93 -38.38
N ILE A 494 -4.26 2.18 -37.33
CA ILE A 494 -4.73 2.48 -35.98
C ILE A 494 -4.26 3.84 -35.43
N LEU A 495 -3.02 4.22 -35.72
CA LEU A 495 -2.52 5.51 -35.23
C LEU A 495 -3.35 6.62 -35.86
N THR A 496 -3.47 6.57 -37.19
CA THR A 496 -4.24 7.55 -37.94
C THR A 496 -5.67 7.62 -37.45
N ALA A 497 -6.31 6.47 -37.33
CA ALA A 497 -7.70 6.40 -36.86
C ALA A 497 -7.81 6.99 -35.46
N SER A 498 -6.76 6.84 -34.67
CA SER A 498 -6.75 7.37 -33.32
C SER A 498 -6.61 8.89 -33.35
N ILE A 499 -5.79 9.40 -34.28
CA ILE A 499 -5.60 10.84 -34.42
C ILE A 499 -6.96 11.41 -34.81
N MET A 500 -7.60 10.75 -35.78
CA MET A 500 -8.91 11.15 -36.26
C MET A 500 -9.89 11.21 -35.11
N TYR A 501 -9.95 10.13 -34.34
CA TYR A 501 -10.85 10.04 -33.20
C TYR A 501 -10.85 11.31 -32.35
N TRP A 502 -9.66 11.75 -31.95
CA TRP A 502 -9.55 12.94 -31.11
C TRP A 502 -9.70 14.26 -31.87
N SER A 503 -9.45 14.24 -33.17
CA SER A 503 -9.58 15.44 -33.98
C SER A 503 -11.06 15.82 -34.12
N LEU A 504 -11.90 14.80 -34.31
CA LEU A 504 -13.33 14.99 -34.47
C LEU A 504 -14.04 15.38 -33.18
N GLN A 505 -13.29 15.61 -32.12
CA GLN A 505 -13.89 15.99 -30.83
C GLN A 505 -13.36 17.33 -30.35
N ARG A 506 -12.54 17.97 -31.16
CA ARG A 506 -11.94 19.26 -30.83
C ARG A 506 -12.96 20.40 -30.95
N GLN B 6 -4.80 -2.23 -1.81
CA GLN B 6 -5.42 -2.19 -3.17
C GLN B 6 -5.96 -3.56 -3.57
N SER B 7 -5.12 -4.58 -3.46
CA SER B 7 -5.48 -5.94 -3.82
C SER B 7 -6.25 -6.71 -2.73
N GLU B 8 -6.22 -6.20 -1.50
CA GLU B 8 -6.91 -6.87 -0.41
C GLU B 8 -8.26 -6.22 -0.08
N LYS B 9 -8.67 -5.28 -0.92
CA LYS B 9 -9.94 -4.58 -0.73
C LYS B 9 -11.08 -5.58 -0.65
N GLY B 10 -11.20 -6.43 -1.68
CA GLY B 10 -12.26 -7.41 -1.70
C GLY B 10 -12.27 -8.29 -0.47
N PRO B 11 -11.16 -8.99 -0.17
CA PRO B 11 -11.07 -9.88 1.00
C PRO B 11 -11.49 -9.20 2.30
N PHE B 12 -11.17 -7.92 2.45
CA PHE B 12 -11.53 -7.18 3.65
C PHE B 12 -13.05 -7.08 3.73
N VAL B 13 -13.66 -6.74 2.60
CA VAL B 13 -15.11 -6.62 2.51
C VAL B 13 -15.76 -7.92 2.99
N GLN B 14 -15.25 -9.05 2.49
CA GLN B 14 -15.77 -10.35 2.87
C GLN B 14 -15.70 -10.53 4.39
N HIS B 15 -14.64 -10.00 4.98
CA HIS B 15 -14.44 -10.08 6.43
C HIS B 15 -15.50 -9.26 7.14
N ILE B 16 -15.73 -8.05 6.63
CA ILE B 16 -16.72 -7.16 7.21
C ILE B 16 -18.11 -7.77 7.12
N ASN B 17 -18.43 -8.33 5.95
CA ASN B 17 -19.73 -8.96 5.72
C ASN B 17 -20.00 -10.11 6.67
N ARG B 18 -18.94 -10.80 7.09
CA ARG B 18 -19.09 -11.94 7.98
C ARG B 18 -19.27 -11.59 9.46
N TYR B 19 -18.60 -10.54 9.93
CA TYR B 19 -18.70 -10.18 11.34
C TYR B 19 -19.59 -8.98 11.64
N LEU B 20 -20.17 -8.36 10.60
CA LEU B 20 -21.05 -7.21 10.79
C LEU B 20 -22.31 -7.32 9.94
N GLY B 21 -22.45 -8.43 9.23
CA GLY B 21 -23.61 -8.62 8.37
C GLY B 21 -24.92 -8.69 9.13
N ASP B 22 -24.89 -9.21 10.36
CA ASP B 22 -26.08 -9.31 11.18
C ASP B 22 -26.22 -8.16 12.17
N ASP B 23 -25.49 -7.08 11.95
CA ASP B 23 -25.54 -5.92 12.85
C ASP B 23 -26.84 -5.15 12.59
N PRO B 24 -27.60 -4.86 13.65
CA PRO B 24 -28.87 -4.14 13.61
C PRO B 24 -28.91 -2.92 12.69
N PHE B 25 -27.85 -2.12 12.71
CA PHE B 25 -27.81 -0.92 11.87
C PHE B 25 -27.22 -1.17 10.50
N LEU B 26 -26.18 -1.99 10.47
CA LEU B 26 -25.49 -2.29 9.22
C LEU B 26 -26.21 -3.26 8.29
N LYS B 27 -27.40 -3.72 8.69
CA LYS B 27 -28.17 -4.64 7.87
C LYS B 27 -28.52 -3.97 6.54
N GLN B 28 -29.00 -2.74 6.63
CA GLN B 28 -29.42 -1.96 5.48
C GLN B 28 -28.35 -1.78 4.42
N PHE B 29 -27.09 -1.95 4.80
CA PHE B 29 -26.00 -1.77 3.84
C PHE B 29 -25.19 -3.02 3.53
N LEU B 30 -25.10 -3.94 4.49
CA LEU B 30 -24.36 -5.17 4.28
C LEU B 30 -25.29 -6.29 3.84
N PRO B 31 -24.75 -7.31 3.17
CA PRO B 31 -23.32 -7.45 2.82
C PRO B 31 -22.97 -6.69 1.53
N LEU B 32 -21.80 -6.05 1.53
CA LEU B 32 -21.34 -5.30 0.37
C LEU B 32 -20.69 -6.22 -0.66
N ASP B 33 -20.54 -5.72 -1.88
CA ASP B 33 -19.91 -6.49 -2.95
C ASP B 33 -18.40 -6.30 -2.85
N PRO B 34 -17.65 -7.41 -2.71
CA PRO B 34 -16.19 -7.37 -2.59
C PRO B 34 -15.49 -6.68 -3.76
N HIS B 35 -16.12 -6.74 -4.93
CA HIS B 35 -15.55 -6.12 -6.11
C HIS B 35 -16.36 -4.87 -6.47
N SER B 36 -16.21 -3.84 -5.66
CA SER B 36 -16.91 -2.58 -5.85
C SER B 36 -16.34 -1.56 -4.88
N ASN B 37 -16.52 -0.28 -5.18
CA ASN B 37 -16.02 0.80 -4.33
C ASN B 37 -17.01 1.17 -3.23
N GLN B 38 -17.94 0.25 -2.94
CA GLN B 38 -18.94 0.50 -1.91
C GLN B 38 -18.28 0.70 -0.55
N LEU B 39 -17.26 -0.10 -0.26
CA LEU B 39 -16.55 -0.01 1.01
C LEU B 39 -16.16 1.42 1.33
N TYR B 40 -15.52 2.08 0.37
CA TYR B 40 -15.07 3.46 0.56
C TYR B 40 -16.23 4.44 0.72
N GLU B 41 -17.41 4.04 0.26
CA GLU B 41 -18.58 4.89 0.37
C GLU B 41 -19.24 4.74 1.73
N LEU B 42 -19.40 3.49 2.17
CA LEU B 42 -20.01 3.21 3.46
C LEU B 42 -19.18 3.79 4.61
N VAL B 43 -17.87 3.59 4.54
CA VAL B 43 -16.96 4.06 5.58
C VAL B 43 -17.02 5.57 5.82
N LYS B 44 -17.59 6.32 4.88
CA LYS B 44 -17.69 7.77 5.01
C LYS B 44 -18.51 8.30 6.17
N ASP B 45 -19.51 7.55 6.61
CA ASP B 45 -20.36 7.98 7.71
C ASP B 45 -19.75 7.74 9.09
N GLY B 46 -18.60 7.07 9.12
CA GLY B 46 -17.92 6.81 10.37
C GLY B 46 -18.60 5.86 11.33
N VAL B 47 -19.50 5.02 10.82
CA VAL B 47 -20.18 4.05 11.67
C VAL B 47 -19.59 2.66 11.44
N LEU B 48 -19.28 2.36 10.17
CA LEU B 48 -18.71 1.06 9.80
C LEU B 48 -17.43 0.74 10.58
N LEU B 49 -16.50 1.68 10.64
CA LEU B 49 -15.25 1.44 11.35
C LEU B 49 -15.40 1.37 12.86
N CYS B 50 -16.20 2.27 13.44
CA CYS B 50 -16.43 2.25 14.89
C CYS B 50 -16.84 0.86 15.31
N LYS B 51 -17.78 0.27 14.58
CA LYS B 51 -18.26 -1.07 14.90
C LYS B 51 -17.23 -2.14 14.61
N LEU B 52 -16.34 -1.88 13.65
CA LEU B 52 -15.31 -2.85 13.31
C LEU B 52 -14.32 -2.93 14.49
N ILE B 53 -14.14 -1.80 15.16
CA ILE B 53 -13.23 -1.73 16.31
C ILE B 53 -13.74 -2.63 17.44
N ASN B 54 -15.06 -2.70 17.62
CA ASN B 54 -15.64 -3.55 18.66
C ASN B 54 -15.58 -5.02 18.27
N VAL B 55 -15.42 -5.27 16.98
CA VAL B 55 -15.31 -6.63 16.48
C VAL B 55 -13.94 -7.16 16.86
N ALA B 56 -12.92 -6.32 16.64
CA ALA B 56 -11.54 -6.67 16.94
C ALA B 56 -11.31 -6.69 18.46
N VAL B 57 -11.82 -5.68 19.14
CA VAL B 57 -11.67 -5.59 20.59
C VAL B 57 -12.98 -5.15 21.23
N PRO B 58 -13.86 -6.11 21.54
CA PRO B 58 -15.17 -5.88 22.15
C PRO B 58 -15.15 -4.96 23.37
N GLY B 59 -16.17 -4.10 23.47
CA GLY B 59 -16.27 -3.19 24.59
C GLY B 59 -15.37 -1.97 24.55
N THR B 60 -14.78 -1.71 23.39
CA THR B 60 -13.89 -0.57 23.24
C THR B 60 -14.68 0.71 23.03
N ILE B 61 -15.77 0.62 22.28
CA ILE B 61 -16.60 1.78 22.01
C ILE B 61 -18.03 1.55 22.46
N ASP B 62 -18.60 2.54 23.13
CA ASP B 62 -19.98 2.46 23.60
C ASP B 62 -20.83 2.98 22.44
N GLU B 63 -21.23 2.05 21.58
CA GLU B 63 -22.01 2.36 20.38
C GLU B 63 -23.13 3.37 20.58
N ARG B 64 -23.54 3.59 21.82
CA ARG B 64 -24.60 4.56 22.10
C ARG B 64 -24.09 5.96 21.76
N ALA B 65 -22.76 6.11 21.74
CA ALA B 65 -22.13 7.38 21.44
C ALA B 65 -22.03 7.61 19.93
N ILE B 66 -22.11 6.52 19.17
CA ILE B 66 -22.04 6.58 17.71
C ILE B 66 -23.32 7.17 17.13
N ASN B 67 -23.19 8.14 16.23
CA ASN B 67 -24.35 8.75 15.59
C ASN B 67 -24.84 7.80 14.50
N THR B 68 -25.80 6.95 14.85
CA THR B 68 -26.34 5.96 13.93
C THR B 68 -27.66 6.35 13.25
N LYS B 69 -27.63 7.46 12.52
CA LYS B 69 -28.82 7.92 11.80
C LYS B 69 -28.74 7.40 10.36
N ARG B 70 -29.70 7.83 9.52
CA ARG B 70 -29.71 7.42 8.13
C ARG B 70 -28.93 8.45 7.33
N VAL B 71 -29.13 9.72 7.68
CA VAL B 71 -28.46 10.84 7.03
C VAL B 71 -27.67 11.60 8.10
N LEU B 72 -26.43 11.96 7.79
CA LEU B 72 -25.60 12.66 8.75
C LEU B 72 -25.03 13.97 8.22
N ASN B 73 -24.96 14.96 9.10
CA ASN B 73 -24.42 16.27 8.74
C ASN B 73 -22.92 16.20 8.95
N PRO B 74 -22.15 16.97 8.17
CA PRO B 74 -20.69 16.98 8.29
C PRO B 74 -20.20 17.03 9.74
N TRP B 75 -21.04 17.55 10.63
CA TRP B 75 -20.69 17.64 12.05
C TRP B 75 -20.81 16.27 12.69
N GLU B 76 -21.98 15.66 12.54
CA GLU B 76 -22.25 14.34 13.11
C GLU B 76 -21.40 13.26 12.44
N ARG B 77 -20.87 13.58 11.26
CA ARG B 77 -20.03 12.65 10.52
C ARG B 77 -18.60 12.70 11.03
N ASN B 78 -18.10 13.91 11.23
CA ASN B 78 -16.74 14.11 11.72
C ASN B 78 -16.57 13.59 13.15
N GLU B 79 -17.65 13.62 13.92
CA GLU B 79 -17.60 13.14 15.29
C GLU B 79 -17.33 11.65 15.33
N ASN B 80 -17.98 10.90 14.43
CA ASN B 80 -17.79 9.45 14.38
C ASN B 80 -16.35 9.09 14.06
N HIS B 81 -15.76 9.79 13.09
CA HIS B 81 -14.37 9.52 12.73
C HIS B 81 -13.48 9.87 13.91
N THR B 82 -13.82 10.94 14.61
CA THR B 82 -13.08 11.38 15.78
C THR B 82 -13.11 10.31 16.85
N LEU B 83 -14.29 9.77 17.11
CA LEU B 83 -14.43 8.71 18.11
C LEU B 83 -13.70 7.48 17.60
N CYS B 84 -13.70 7.32 16.28
CA CYS B 84 -13.06 6.19 15.62
C CYS B 84 -11.57 6.18 15.92
N LEU B 85 -10.86 7.14 15.33
CA LEU B 85 -9.42 7.27 15.49
C LEU B 85 -8.95 7.18 16.94
N ASN B 86 -9.54 7.98 17.82
CA ASN B 86 -9.14 7.94 19.22
C ASN B 86 -9.38 6.57 19.86
N SER B 87 -10.42 5.88 19.42
CA SER B 87 -10.72 4.55 19.95
C SER B 87 -9.73 3.55 19.35
N ALA B 88 -9.24 3.86 18.16
CA ALA B 88 -8.27 3.00 17.49
C ALA B 88 -6.94 3.10 18.23
N LYS B 89 -6.65 4.29 18.75
CA LYS B 89 -5.42 4.52 19.50
C LYS B 89 -5.46 3.72 20.79
N ALA B 90 -6.65 3.64 21.38
CA ALA B 90 -6.84 2.93 22.64
C ALA B 90 -6.71 1.41 22.51
N VAL B 91 -6.63 0.92 21.28
CA VAL B 91 -6.50 -0.52 21.06
C VAL B 91 -5.16 -0.96 20.46
N GLY B 92 -4.33 0.00 20.10
CA GLY B 92 -3.02 -0.35 19.54
C GLY B 92 -2.81 -0.04 18.07
N CYS B 93 -3.79 0.58 17.43
CA CYS B 93 -3.66 0.93 16.02
C CYS B 93 -2.81 2.17 15.84
N SER B 94 -2.00 2.20 14.79
CA SER B 94 -1.17 3.35 14.49
C SER B 94 -1.94 4.22 13.52
N VAL B 95 -2.58 5.27 14.04
CA VAL B 95 -3.39 6.16 13.22
C VAL B 95 -2.82 7.57 13.15
N VAL B 96 -1.55 7.72 13.51
CA VAL B 96 -0.88 9.02 13.50
C VAL B 96 -1.00 9.76 12.17
N ASN B 97 -1.04 9.01 11.07
CA ASN B 97 -1.12 9.60 9.74
C ASN B 97 -2.51 9.61 9.11
N ILE B 98 -3.54 9.40 9.93
CA ILE B 98 -4.91 9.39 9.41
C ILE B 98 -5.73 10.56 9.94
N GLY B 99 -6.17 11.43 9.04
CA GLY B 99 -6.96 12.59 9.45
C GLY B 99 -8.42 12.24 9.51
N THR B 100 -9.19 13.02 10.26
CA THR B 100 -10.62 12.79 10.41
C THR B 100 -11.32 12.93 9.06
N GLN B 101 -10.78 13.81 8.22
CA GLN B 101 -11.33 14.03 6.89
C GLN B 101 -10.91 12.95 5.90
N ASP B 102 -9.83 12.25 6.20
CA ASP B 102 -9.35 11.19 5.33
C ASP B 102 -10.35 10.03 5.30
N LEU B 103 -11.05 9.82 6.40
CA LEU B 103 -12.05 8.75 6.46
C LEU B 103 -13.32 9.25 5.78
N ALA B 104 -13.64 10.52 5.99
CA ALA B 104 -14.82 11.13 5.41
C ALA B 104 -14.76 11.06 3.89
N GLU B 105 -13.59 11.36 3.32
CA GLU B 105 -13.42 11.33 1.88
C GLU B 105 -13.24 9.89 1.40
N GLY B 106 -12.99 8.99 2.34
CA GLY B 106 -12.82 7.58 2.02
C GLY B 106 -11.58 7.22 1.23
N ARG B 107 -10.48 7.91 1.47
CA ARG B 107 -9.23 7.62 0.76
C ARG B 107 -8.82 6.17 1.04
N PRO B 108 -8.89 5.31 0.01
CA PRO B 108 -8.56 3.88 0.03
C PRO B 108 -7.32 3.41 0.77
N HIS B 109 -6.14 3.97 0.45
CA HIS B 109 -4.91 3.54 1.11
C HIS B 109 -4.92 3.68 2.63
N LEU B 110 -5.42 4.79 3.14
CA LEU B 110 -5.49 4.99 4.58
C LEU B 110 -6.58 4.10 5.18
N VAL B 111 -7.72 4.04 4.50
CA VAL B 111 -8.85 3.23 4.95
C VAL B 111 -8.46 1.75 5.05
N LEU B 112 -7.84 1.23 3.99
CA LEU B 112 -7.42 -0.17 3.96
C LEU B 112 -6.37 -0.44 5.02
N GLY B 113 -5.51 0.55 5.28
CA GLY B 113 -4.48 0.40 6.28
C GLY B 113 -5.09 0.13 7.65
N LEU B 114 -6.04 0.98 8.04
CA LEU B 114 -6.70 0.83 9.32
C LEU B 114 -7.40 -0.52 9.45
N ILE B 115 -8.21 -0.86 8.45
CA ILE B 115 -8.91 -2.13 8.45
C ILE B 115 -7.92 -3.29 8.56
N SER B 116 -6.81 -3.15 7.85
CA SER B 116 -5.75 -4.15 7.85
C SER B 116 -5.22 -4.40 9.26
N GLN B 117 -5.04 -3.33 10.02
CA GLN B 117 -4.54 -3.43 11.39
C GLN B 117 -5.59 -4.04 12.32
N LEU B 118 -6.83 -3.59 12.18
CA LEU B 118 -7.92 -4.08 13.02
C LEU B 118 -8.14 -5.58 12.87
N ILE B 119 -8.07 -6.07 11.63
CA ILE B 119 -8.26 -7.50 11.38
C ILE B 119 -7.15 -8.30 12.05
N LYS B 120 -5.92 -7.81 11.95
CA LYS B 120 -4.77 -8.50 12.55
C LYS B 120 -4.90 -8.55 14.08
N ILE B 121 -5.50 -7.52 14.66
CA ILE B 121 -5.70 -7.45 16.10
C ILE B 121 -6.69 -8.54 16.50
N GLN B 122 -7.69 -8.75 15.65
CA GLN B 122 -8.75 -9.73 15.89
C GLN B 122 -8.32 -11.18 15.65
N LEU B 123 -7.59 -11.43 14.57
CA LEU B 123 -7.18 -12.79 14.24
C LEU B 123 -5.91 -13.28 14.93
N LEU B 124 -4.91 -12.42 15.03
CA LEU B 124 -3.64 -12.78 15.65
C LEU B 124 -3.47 -12.17 17.04
N ALA B 125 -4.27 -12.63 18.00
CA ALA B 125 -4.21 -12.11 19.36
C ALA B 125 -3.47 -13.04 20.31
N ASP B 126 -3.25 -14.28 19.87
CA ASP B 126 -2.57 -15.27 20.71
C ASP B 126 -1.10 -15.42 20.34
N LEU B 127 -0.72 -14.89 19.18
CA LEU B 127 0.66 -14.98 18.72
C LEU B 127 1.57 -14.03 19.51
N ASN B 128 1.62 -14.25 20.82
CA ASN B 128 2.43 -13.45 21.73
C ASN B 128 2.97 -14.39 22.81
N LEU B 129 4.27 -14.27 23.10
CA LEU B 129 4.92 -15.11 24.11
C LEU B 129 4.26 -15.05 25.49
N LYS B 130 3.67 -13.90 25.82
CA LYS B 130 3.01 -13.73 27.11
C LYS B 130 1.68 -14.47 27.13
N LYS B 131 1.02 -14.54 25.98
CA LYS B 131 -0.27 -15.22 25.87
C LYS B 131 -0.06 -16.70 25.59
N THR B 132 0.99 -17.02 24.84
CA THR B 132 1.31 -18.40 24.49
C THR B 132 2.77 -18.70 24.85
N PRO B 133 3.03 -18.94 26.15
CA PRO B 133 4.35 -19.25 26.72
C PRO B 133 5.27 -20.13 25.87
N GLN B 134 4.70 -20.91 24.97
CA GLN B 134 5.50 -21.78 24.10
C GLN B 134 6.60 -20.98 23.39
N LEU B 135 7.77 -20.92 24.02
CA LEU B 135 8.90 -20.17 23.48
C LEU B 135 9.84 -20.97 22.58
N VAL B 136 9.43 -22.19 22.22
CA VAL B 136 10.26 -23.01 21.35
C VAL B 136 10.25 -22.36 19.97
N GLU B 137 11.40 -21.93 19.49
CA GLU B 137 11.50 -21.28 18.18
C GLU B 137 12.85 -21.51 17.52
N ASP B 144 18.63 -13.83 21.00
CA ASP B 144 17.44 -14.23 20.20
C ASP B 144 16.16 -14.16 21.04
N VAL B 145 16.28 -14.45 22.33
CA VAL B 145 15.15 -14.44 23.24
C VAL B 145 14.55 -13.05 23.40
N GLU B 146 15.15 -12.06 22.73
CA GLU B 146 14.67 -10.70 22.80
C GLU B 146 14.13 -10.22 21.47
N GLU B 147 14.25 -11.05 20.44
CA GLU B 147 13.77 -10.72 19.11
C GLU B 147 12.29 -11.05 18.97
N LEU B 148 11.91 -12.24 19.42
CA LEU B 148 10.53 -12.69 19.36
C LEU B 148 9.59 -11.76 20.09
N LEU B 149 9.96 -11.38 21.31
CA LEU B 149 9.13 -10.51 22.14
C LEU B 149 8.72 -9.22 21.41
N ARG B 150 9.51 -8.83 20.42
CA ARG B 150 9.21 -7.61 19.67
C ARG B 150 8.74 -7.89 18.24
N LEU B 151 8.60 -9.16 17.90
CA LEU B 151 8.13 -9.55 16.58
C LEU B 151 6.62 -9.47 16.45
N PRO B 152 6.13 -8.90 15.35
CA PRO B 152 4.68 -8.79 15.15
C PRO B 152 4.07 -10.18 15.07
N PRO B 153 2.84 -10.37 15.57
CA PRO B 153 2.17 -11.66 15.55
C PRO B 153 2.31 -12.42 14.22
N GLU B 154 2.05 -11.71 13.13
CA GLU B 154 2.14 -12.29 11.79
C GLU B 154 3.52 -12.91 11.52
N LYS B 155 4.55 -12.31 12.09
CA LYS B 155 5.92 -12.81 11.92
C LYS B 155 6.09 -14.05 12.78
N VAL B 156 5.46 -14.04 13.94
CA VAL B 156 5.51 -15.16 14.87
C VAL B 156 4.86 -16.35 14.17
N LEU B 157 3.74 -16.09 13.50
CA LEU B 157 3.02 -17.13 12.79
C LEU B 157 3.89 -17.74 11.71
N LEU B 158 4.60 -16.89 10.96
CA LEU B 158 5.49 -17.35 9.89
C LEU B 158 6.61 -18.21 10.45
N LYS B 159 7.11 -17.84 11.62
CA LYS B 159 8.19 -18.59 12.25
C LYS B 159 7.67 -19.94 12.71
N TRP B 160 6.47 -19.95 13.28
CA TRP B 160 5.84 -21.18 13.74
C TRP B 160 5.71 -22.18 12.59
N MET B 161 5.20 -21.70 11.46
CA MET B 161 5.01 -22.53 10.29
C MET B 161 6.32 -23.07 9.74
N ASN B 162 7.34 -22.22 9.68
CA ASN B 162 8.65 -22.62 9.19
C ASN B 162 9.30 -23.56 10.19
N PHE B 163 8.89 -23.43 11.45
CA PHE B 163 9.41 -24.27 12.53
C PHE B 163 9.12 -25.73 12.21
N HIS B 164 7.87 -26.02 11.86
CA HIS B 164 7.45 -27.38 11.53
C HIS B 164 7.85 -27.77 10.11
N LEU B 165 7.78 -26.82 9.18
CA LEU B 165 8.14 -27.09 7.80
C LEU B 165 9.57 -27.62 7.69
N LYS B 166 10.47 -27.03 8.45
CA LYS B 166 11.87 -27.43 8.45
C LYS B 166 12.05 -28.87 8.91
N LYS B 167 11.27 -29.28 9.92
CA LYS B 167 11.35 -30.64 10.44
C LYS B 167 10.71 -31.62 9.45
N GLY B 168 9.85 -31.10 8.58
CA GLY B 168 9.19 -31.95 7.59
C GLY B 168 10.03 -32.10 6.34
N GLY B 169 11.25 -31.54 6.37
CA GLY B 169 12.13 -31.63 5.22
C GLY B 169 11.91 -30.54 4.19
N TYR B 170 10.91 -29.69 4.40
CA TYR B 170 10.62 -28.60 3.48
C TYR B 170 11.85 -27.69 3.43
N LYS B 171 12.34 -27.43 2.22
CA LYS B 171 13.52 -26.60 2.06
C LYS B 171 13.22 -25.10 1.99
N LYS B 172 12.23 -24.73 1.20
CA LYS B 172 11.86 -23.32 1.06
C LYS B 172 11.46 -22.70 2.41
N THR B 173 11.66 -21.38 2.52
CA THR B 173 11.32 -20.64 3.73
C THR B 173 10.17 -19.68 3.45
N VAL B 174 8.98 -20.02 3.92
CA VAL B 174 7.80 -19.17 3.72
C VAL B 174 8.03 -17.81 4.36
N SER B 175 7.88 -16.75 3.57
CA SER B 175 8.08 -15.39 4.06
C SER B 175 6.89 -14.46 3.83
N ASN B 176 5.80 -15.01 3.29
CA ASN B 176 4.59 -14.23 3.04
C ASN B 176 3.39 -15.16 2.94
N PHE B 177 2.19 -14.62 3.08
CA PHE B 177 0.98 -15.42 3.02
C PHE B 177 0.26 -15.38 1.66
N SER B 178 1.00 -15.08 0.60
CA SER B 178 0.43 -15.02 -0.73
C SER B 178 1.16 -15.97 -1.68
N ALA B 179 2.12 -15.44 -2.43
CA ALA B 179 2.88 -16.23 -3.38
C ALA B 179 3.46 -17.51 -2.78
N ASP B 180 4.07 -17.40 -1.61
CA ASP B 180 4.68 -18.56 -0.95
C ASP B 180 3.72 -19.69 -0.64
N LEU B 181 2.46 -19.35 -0.37
CA LEU B 181 1.45 -20.35 -0.02
C LEU B 181 0.45 -20.56 -1.16
N LYS B 182 0.61 -19.76 -2.21
CA LYS B 182 -0.27 -19.78 -3.37
C LYS B 182 -0.53 -21.16 -4.01
N ASP B 183 0.53 -21.96 -4.17
CA ASP B 183 0.38 -23.27 -4.80
C ASP B 183 0.09 -24.43 -3.83
N ALA B 184 -0.38 -24.09 -2.64
CA ALA B 184 -0.72 -25.07 -1.62
C ALA B 184 0.35 -26.10 -1.26
N GLN B 185 1.57 -25.92 -1.75
CA GLN B 185 2.65 -26.86 -1.44
C GLN B 185 3.02 -26.79 0.04
N ALA B 186 3.19 -25.57 0.55
CA ALA B 186 3.55 -25.37 1.95
C ALA B 186 2.48 -25.95 2.88
N TYR B 187 1.22 -25.68 2.56
CA TYR B 187 0.12 -26.20 3.37
C TYR B 187 0.21 -27.72 3.48
N ALA B 188 0.52 -28.36 2.35
CA ALA B 188 0.65 -29.81 2.32
C ALA B 188 1.62 -30.28 3.41
N PHE B 189 2.88 -29.86 3.29
CA PHE B 189 3.90 -30.24 4.27
C PHE B 189 3.47 -29.93 5.71
N LEU B 190 2.98 -28.71 5.92
CA LEU B 190 2.56 -28.29 7.24
C LEU B 190 1.60 -29.28 7.88
N LEU B 191 0.66 -29.79 7.08
CA LEU B 191 -0.32 -30.74 7.57
C LEU B 191 0.26 -32.14 7.80
N ASN B 192 1.16 -32.57 6.94
CA ASN B 192 1.79 -33.89 7.08
C ASN B 192 2.69 -33.94 8.31
N VAL B 193 3.05 -32.77 8.82
CA VAL B 193 3.91 -32.69 10.00
C VAL B 193 3.04 -32.67 11.26
N LEU B 194 2.00 -31.85 11.24
CA LEU B 194 1.10 -31.72 12.38
C LEU B 194 0.16 -32.90 12.53
N ALA B 195 -0.34 -33.42 11.41
CA ALA B 195 -1.26 -34.55 11.43
C ALA B 195 -0.92 -35.58 10.36
N PRO B 196 0.21 -36.28 10.53
CA PRO B 196 0.63 -37.30 9.57
C PRO B 196 -0.31 -38.50 9.48
N GLU B 197 -1.11 -38.69 10.54
CA GLU B 197 -2.05 -39.81 10.60
C GLU B 197 -3.28 -39.58 9.73
N HIS B 198 -3.41 -38.37 9.18
CA HIS B 198 -4.55 -38.03 8.34
C HIS B 198 -4.09 -37.64 6.94
N CYS B 199 -2.91 -38.09 6.55
CA CYS B 199 -2.37 -37.76 5.24
C CYS B 199 -3.09 -38.54 4.14
N ASP B 200 -2.97 -38.04 2.92
CA ASP B 200 -3.59 -38.66 1.76
C ASP B 200 -2.50 -38.87 0.71
N PRO B 201 -2.10 -40.13 0.47
CA PRO B 201 -1.06 -40.44 -0.52
C PRO B 201 -1.28 -39.78 -1.88
N ALA B 202 -2.53 -39.42 -2.17
CA ALA B 202 -2.87 -38.80 -3.44
C ALA B 202 -2.31 -37.39 -3.59
N THR B 203 -2.02 -36.73 -2.47
CA THR B 203 -1.48 -35.38 -2.50
C THR B 203 -0.08 -35.37 -3.12
N LEU B 204 0.60 -36.51 -3.04
CA LEU B 204 1.94 -36.65 -3.59
C LEU B 204 1.94 -36.48 -5.11
N ASP B 205 0.91 -37.03 -5.76
CA ASP B 205 0.81 -36.97 -7.20
C ASP B 205 -0.05 -35.82 -7.73
N ALA B 206 -0.34 -34.85 -6.88
CA ALA B 206 -1.15 -33.70 -7.29
C ALA B 206 -0.34 -32.83 -8.23
N LYS B 207 -0.84 -32.63 -9.44
CA LYS B 207 -0.14 -31.83 -10.43
C LYS B 207 -0.63 -30.38 -10.49
N ASP B 208 -1.94 -30.20 -10.47
CA ASP B 208 -2.53 -28.86 -10.52
C ASP B 208 -2.62 -28.25 -9.12
N PRO B 209 -2.27 -26.95 -9.00
CA PRO B 209 -2.32 -26.26 -7.71
C PRO B 209 -3.74 -26.21 -7.15
N LEU B 210 -4.72 -26.05 -8.04
CA LEU B 210 -6.11 -25.99 -7.64
C LEU B 210 -6.53 -27.34 -7.07
N GLU B 211 -5.89 -28.40 -7.56
CA GLU B 211 -6.18 -29.76 -7.10
C GLU B 211 -5.58 -30.00 -5.72
N ARG B 212 -4.36 -29.49 -5.52
CA ARG B 212 -3.67 -29.65 -4.24
C ARG B 212 -4.37 -28.86 -3.14
N ALA B 213 -5.00 -27.75 -3.52
CA ALA B 213 -5.72 -26.91 -2.56
C ALA B 213 -6.93 -27.65 -2.00
N GLU B 214 -7.60 -28.44 -2.84
CA GLU B 214 -8.75 -29.21 -2.40
C GLU B 214 -8.29 -30.25 -1.38
N LEU B 215 -7.21 -30.94 -1.70
CA LEU B 215 -6.65 -31.97 -0.84
C LEU B 215 -6.24 -31.41 0.52
N VAL B 216 -5.64 -30.23 0.51
CA VAL B 216 -5.21 -29.58 1.74
C VAL B 216 -6.41 -29.22 2.62
N LEU B 217 -7.44 -28.66 2.00
CA LEU B 217 -8.64 -28.28 2.73
C LEU B 217 -9.28 -29.52 3.34
N SER B 218 -9.12 -30.67 2.68
CA SER B 218 -9.68 -31.92 3.16
C SER B 218 -8.84 -32.44 4.33
N HIS B 219 -7.52 -32.38 4.18
CA HIS B 219 -6.61 -32.84 5.23
C HIS B 219 -6.82 -31.97 6.46
N ALA B 220 -7.07 -30.68 6.24
CA ALA B 220 -7.32 -29.77 7.34
C ALA B 220 -8.66 -30.17 7.96
N GLU B 221 -9.56 -30.64 7.11
CA GLU B 221 -10.89 -31.08 7.55
C GLU B 221 -10.74 -32.31 8.43
N ARG B 222 -9.71 -33.11 8.16
CA ARG B 222 -9.46 -34.33 8.93
C ARG B 222 -8.91 -34.03 10.32
N MET B 223 -8.27 -32.88 10.49
CA MET B 223 -7.74 -32.53 11.80
C MET B 223 -8.66 -31.58 12.55
N ASN B 224 -9.96 -31.75 12.31
CA ASN B 224 -11.02 -31.00 12.97
C ASN B 224 -11.08 -29.47 12.84
N CYS B 225 -10.33 -28.89 11.90
CA CYS B 225 -10.40 -27.45 11.75
C CYS B 225 -11.38 -27.08 10.62
N LYS B 226 -12.45 -26.39 10.99
CA LYS B 226 -13.50 -25.97 10.06
C LYS B 226 -13.01 -24.88 9.11
N ARG B 227 -12.48 -25.28 7.97
CA ARG B 227 -11.98 -24.32 6.99
C ARG B 227 -13.12 -23.43 6.50
N TYR B 228 -12.84 -22.15 6.34
CA TYR B 228 -13.84 -21.20 5.89
C TYR B 228 -13.53 -20.65 4.50
N LEU B 229 -12.42 -21.08 3.92
CA LEU B 229 -12.03 -20.62 2.59
C LEU B 229 -12.09 -21.77 1.60
N THR B 230 -12.21 -21.43 0.32
CA THR B 230 -12.29 -22.43 -0.74
C THR B 230 -10.92 -22.63 -1.38
N ALA B 231 -10.80 -23.71 -2.17
CA ALA B 231 -9.55 -24.02 -2.85
C ALA B 231 -9.15 -22.86 -3.76
N GLU B 232 -10.15 -22.20 -4.33
CA GLU B 232 -9.94 -21.06 -5.22
C GLU B 232 -9.28 -19.91 -4.48
N GLU B 233 -9.71 -19.68 -3.25
CA GLU B 233 -9.19 -18.60 -2.44
C GLU B 233 -7.74 -18.81 -2.01
N ILE B 234 -7.27 -20.05 -2.07
CA ILE B 234 -5.88 -20.35 -1.71
C ILE B 234 -5.00 -20.10 -2.92
N VAL B 235 -5.44 -20.59 -4.08
CA VAL B 235 -4.69 -20.45 -5.32
C VAL B 235 -4.57 -19.00 -5.78
N GLU B 236 -5.58 -18.19 -5.47
CA GLU B 236 -5.57 -16.79 -5.87
C GLU B 236 -4.57 -15.97 -5.05
N GLY B 237 -4.01 -16.60 -4.03
CA GLY B 237 -3.00 -15.93 -3.20
C GLY B 237 -3.43 -14.84 -2.26
N SER B 238 -4.73 -14.73 -1.97
CA SER B 238 -5.21 -13.70 -1.06
C SER B 238 -4.40 -13.70 0.23
N SER B 239 -3.84 -12.54 0.55
CA SER B 239 -3.02 -12.39 1.75
C SER B 239 -3.79 -12.68 3.03
N THR B 240 -4.78 -11.84 3.34
CA THR B 240 -5.57 -11.99 4.55
C THR B 240 -6.27 -13.35 4.69
N LEU B 241 -6.85 -13.84 3.61
CA LEU B 241 -7.54 -15.12 3.65
C LEU B 241 -6.59 -16.25 4.06
N ASN B 242 -5.42 -16.29 3.43
CA ASN B 242 -4.44 -17.32 3.74
C ASN B 242 -3.81 -17.10 5.12
N LEU B 243 -3.83 -15.86 5.59
CA LEU B 243 -3.29 -15.57 6.92
C LEU B 243 -4.20 -16.20 7.95
N ALA B 244 -5.50 -16.00 7.76
CA ALA B 244 -6.51 -16.53 8.67
C ALA B 244 -6.43 -18.05 8.71
N PHE B 245 -6.30 -18.68 7.54
CA PHE B 245 -6.22 -20.13 7.49
C PHE B 245 -5.04 -20.64 8.31
N VAL B 246 -3.86 -20.04 8.10
CA VAL B 246 -2.68 -20.46 8.83
C VAL B 246 -2.92 -20.28 10.33
N ALA B 247 -3.71 -19.27 10.67
CA ALA B 247 -4.04 -18.98 12.06
C ALA B 247 -4.95 -20.08 12.62
N GLN B 248 -5.91 -20.51 11.79
CA GLN B 248 -6.83 -21.56 12.18
C GLN B 248 -6.08 -22.86 12.43
N ILE B 249 -5.14 -23.18 11.53
CA ILE B 249 -4.34 -24.40 11.68
C ILE B 249 -3.64 -24.31 13.04
N PHE B 250 -3.07 -23.14 13.32
CA PHE B 250 -2.35 -22.89 14.57
C PHE B 250 -3.23 -23.13 15.80
N HIS B 251 -4.35 -22.43 15.87
CA HIS B 251 -5.27 -22.55 17.00
C HIS B 251 -5.85 -23.95 17.16
N GLU B 252 -5.36 -24.90 16.37
CA GLU B 252 -5.83 -26.27 16.42
C GLU B 252 -4.68 -27.28 16.54
N ARG B 253 -3.48 -26.85 16.18
CA ARG B 253 -2.32 -27.74 16.23
C ARG B 253 -1.00 -26.98 16.28
N ASN B 254 -0.14 -27.38 17.23
CA ASN B 254 1.18 -26.77 17.38
C ASN B 254 2.15 -27.75 18.04
N GLY B 255 2.87 -27.32 19.06
CA GLY B 255 3.82 -28.20 19.72
C GLY B 255 4.03 -27.92 21.19
N LEU B 256 4.16 -28.98 21.98
CA LEU B 256 4.38 -28.89 23.42
C LEU B 256 4.39 -30.29 24.04
N ASN B 257 5.09 -30.44 25.17
CA ASN B 257 5.17 -31.73 25.83
C ASN B 257 5.81 -31.61 27.22
N ASP B 271 0.35 -8.47 38.78
CA ASP B 271 -0.30 -7.38 39.56
C ASP B 271 -1.42 -6.75 38.76
N VAL B 272 -2.31 -6.03 39.45
CA VAL B 272 -3.43 -5.36 38.81
C VAL B 272 -3.08 -3.93 38.43
N GLU B 273 -2.64 -3.17 39.43
CA GLU B 273 -2.26 -1.77 39.23
C GLU B 273 -1.13 -1.63 38.21
N THR B 274 -0.07 -2.41 38.40
CA THR B 274 1.07 -2.38 37.49
C THR B 274 0.62 -2.67 36.06
N CYS B 275 -0.17 -3.73 35.90
CA CYS B 275 -0.68 -4.12 34.59
C CYS B 275 -1.40 -2.95 33.91
N ARG B 276 -2.22 -2.23 34.68
CA ARG B 276 -2.96 -1.09 34.16
C ARG B 276 -2.01 -0.03 33.59
N ASP B 277 -1.20 0.54 34.47
CA ASP B 277 -0.25 1.58 34.10
C ASP B 277 0.62 1.22 32.89
N GLU B 278 1.13 0.00 32.87
CA GLU B 278 1.97 -0.43 31.75
C GLU B 278 1.22 -0.24 30.44
N ARG B 279 0.01 -0.78 30.37
CA ARG B 279 -0.80 -0.65 29.16
C ARG B 279 -1.12 0.81 28.87
N CYS B 280 -1.52 1.54 29.91
CA CYS B 280 -1.88 2.94 29.77
C CYS B 280 -0.81 3.78 29.08
N TYR B 281 0.40 3.79 29.65
CA TYR B 281 1.48 4.58 29.08
C TYR B 281 2.04 4.01 27.79
N ARG B 282 1.91 2.69 27.60
CA ARG B 282 2.38 2.06 26.39
C ARG B 282 1.55 2.62 25.24
N LEU B 283 0.23 2.64 25.44
CA LEU B 283 -0.70 3.14 24.45
C LEU B 283 -0.50 4.64 24.20
N TRP B 284 -0.34 5.38 25.29
CA TRP B 284 -0.13 6.82 25.20
C TRP B 284 1.09 7.12 24.32
N ILE B 285 2.23 6.55 24.69
CA ILE B 285 3.47 6.75 23.94
C ILE B 285 3.30 6.36 22.48
N ASN B 286 2.73 5.20 22.23
CA ASN B 286 2.53 4.72 20.88
C ASN B 286 1.62 5.61 20.03
N SER B 287 0.92 6.55 20.67
CA SER B 287 0.02 7.45 19.94
C SER B 287 0.65 8.81 19.68
N LEU B 288 1.79 9.09 20.31
CA LEU B 288 2.46 10.37 20.14
C LEU B 288 3.11 10.58 18.77
N GLY B 289 3.38 9.50 18.05
CA GLY B 289 4.01 9.62 16.75
C GLY B 289 5.52 9.59 16.87
N ILE B 290 5.99 8.79 17.82
CA ILE B 290 7.41 8.62 18.09
C ILE B 290 7.99 7.68 17.01
N ASP B 291 9.31 7.62 16.87
CA ASP B 291 9.90 6.74 15.87
C ASP B 291 10.13 5.32 16.38
N SER B 292 9.98 5.12 17.68
CA SER B 292 10.15 3.80 18.27
C SER B 292 8.80 3.19 18.61
N TYR B 293 8.74 1.87 18.72
CA TYR B 293 7.50 1.20 19.07
C TYR B 293 7.65 0.60 20.45
N VAL B 294 6.63 0.78 21.29
CA VAL B 294 6.67 0.25 22.65
C VAL B 294 5.88 -1.05 22.81
N ASN B 295 6.57 -2.09 23.26
CA ASN B 295 5.93 -3.38 23.49
C ASN B 295 5.78 -3.59 25.00
N ASN B 296 6.73 -3.03 25.75
CA ASN B 296 6.74 -3.13 27.22
C ASN B 296 7.44 -1.89 27.79
N VAL B 297 6.66 -0.99 28.37
CA VAL B 297 7.18 0.27 28.91
C VAL B 297 8.27 0.17 29.98
N PHE B 298 8.45 -1.01 30.56
CA PHE B 298 9.47 -1.16 31.59
C PHE B 298 10.82 -1.59 31.06
N GLU B 299 10.82 -2.42 30.02
CA GLU B 299 12.06 -2.89 29.42
C GLU B 299 12.51 -2.05 28.23
N ASP B 300 11.55 -1.64 27.42
CA ASP B 300 11.84 -0.85 26.22
C ASP B 300 12.25 0.59 26.53
N VAL B 301 12.33 0.93 27.81
CA VAL B 301 12.69 2.29 28.20
C VAL B 301 14.02 2.38 28.95
N ARG B 302 14.65 1.24 29.19
CA ARG B 302 15.91 1.18 29.93
C ARG B 302 17.15 1.83 29.30
N ASN B 303 17.24 1.87 27.97
CA ASN B 303 18.40 2.52 27.34
C ASN B 303 18.18 4.02 27.16
N GLY B 304 17.05 4.50 27.67
CA GLY B 304 16.72 5.93 27.59
C GLY B 304 16.35 6.51 26.24
N TRP B 305 16.50 5.76 25.17
CA TRP B 305 16.18 6.26 23.84
C TRP B 305 14.73 6.70 23.61
N ILE B 306 13.77 5.91 24.10
CA ILE B 306 12.37 6.25 23.93
C ILE B 306 11.95 7.48 24.75
N LEU B 307 12.46 7.60 25.97
CA LEU B 307 12.12 8.75 26.81
C LEU B 307 12.62 10.03 26.15
N LEU B 308 13.80 9.97 25.54
CA LEU B 308 14.34 11.13 24.86
C LEU B 308 13.40 11.52 23.71
N GLU B 309 12.92 10.50 23.00
CA GLU B 309 12.00 10.74 21.89
C GLU B 309 10.67 11.31 22.38
N VAL B 310 10.17 10.79 23.51
CA VAL B 310 8.93 11.29 24.08
C VAL B 310 9.10 12.74 24.50
N LEU B 311 10.21 13.03 25.18
CA LEU B 311 10.49 14.38 25.65
C LEU B 311 10.60 15.38 24.50
N ASP B 312 11.17 14.95 23.38
CA ASP B 312 11.33 15.84 22.24
C ASP B 312 9.97 16.14 21.61
N LYS B 313 9.01 15.24 21.82
CA LYS B 313 7.66 15.40 21.28
C LYS B 313 6.82 16.29 22.19
N VAL B 314 6.82 15.96 23.48
CA VAL B 314 6.05 16.72 24.46
C VAL B 314 6.63 18.11 24.66
N SER B 315 7.93 18.25 24.43
CA SER B 315 8.62 19.53 24.60
C SER B 315 9.63 19.75 23.48
N PRO B 316 9.17 20.22 22.31
CA PRO B 316 9.99 20.48 21.13
C PRO B 316 11.33 21.17 21.39
N SER B 317 12.39 20.67 20.75
CA SER B 317 13.73 21.21 20.88
C SER B 317 14.40 21.00 22.24
N SER B 318 13.75 20.24 23.12
CA SER B 318 14.32 20.01 24.45
C SER B 318 15.51 19.07 24.41
N VAL B 319 15.45 18.05 23.55
CA VAL B 319 16.52 17.07 23.45
C VAL B 319 17.69 17.48 22.57
N ASN B 320 18.90 17.28 23.11
CA ASN B 320 20.12 17.57 22.39
C ASN B 320 20.59 16.22 21.84
N TRP B 321 20.25 15.95 20.58
CA TRP B 321 20.59 14.68 19.96
C TRP B 321 22.07 14.41 19.75
N LYS B 322 22.90 15.44 19.79
CA LYS B 322 24.35 15.25 19.63
C LYS B 322 24.89 14.44 20.81
N HIS B 323 24.22 14.55 21.95
CA HIS B 323 24.63 13.85 23.16
C HIS B 323 23.85 12.56 23.35
N ALA B 324 23.08 12.16 22.33
CA ALA B 324 22.29 10.94 22.40
C ALA B 324 22.86 9.84 21.51
N SER B 325 22.67 8.60 21.93
CA SER B 325 23.16 7.45 21.17
C SER B 325 21.98 6.56 20.76
N LYS B 326 21.86 6.29 19.46
CA LYS B 326 20.78 5.46 18.95
C LYS B 326 21.08 3.97 19.17
N PRO B 327 20.08 3.21 19.64
CA PRO B 327 20.24 1.77 19.88
C PRO B 327 20.43 1.01 18.57
N PRO B 328 20.96 -0.23 18.63
CA PRO B 328 21.38 -0.97 19.82
C PRO B 328 22.62 -0.40 20.50
N ILE B 329 22.69 -0.53 21.81
CA ILE B 329 23.81 -0.02 22.60
C ILE B 329 24.69 -1.15 23.13
N LYS B 330 25.97 -1.08 22.81
CA LYS B 330 26.92 -2.10 23.26
C LYS B 330 27.81 -1.48 24.33
N MET B 331 28.03 -0.17 24.25
CA MET B 331 28.86 0.56 25.21
C MET B 331 28.00 1.11 26.35
N PRO B 332 28.23 0.61 27.57
CA PRO B 332 27.51 1.01 28.79
C PRO B 332 27.38 2.52 29.03
N PHE B 333 28.46 3.25 28.78
CA PHE B 333 28.44 4.70 29.01
C PHE B 333 27.42 5.40 28.12
N ARG B 334 27.02 4.75 27.04
CA ARG B 334 26.04 5.34 26.12
C ARG B 334 24.61 5.23 26.66
N LYS B 335 24.31 4.12 27.34
CA LYS B 335 22.99 3.94 27.91
C LYS B 335 22.82 4.92 29.07
N VAL B 336 23.85 5.01 29.91
CA VAL B 336 23.83 5.90 31.06
C VAL B 336 23.68 7.36 30.66
N GLU B 337 24.41 7.78 29.62
CA GLU B 337 24.30 9.17 29.19
C GLU B 337 22.94 9.50 28.58
N ASN B 338 22.31 8.52 27.95
CA ASN B 338 20.99 8.76 27.37
C ASN B 338 20.04 9.02 28.53
N CYS B 339 20.01 8.10 29.48
CA CYS B 339 19.13 8.24 30.65
C CYS B 339 19.47 9.49 31.43
N ASN B 340 20.76 9.83 31.51
CA ASN B 340 21.19 11.02 32.23
C ASN B 340 20.54 12.27 31.65
N GLN B 341 20.52 12.37 30.32
CA GLN B 341 19.93 13.54 29.68
C GLN B 341 18.42 13.57 29.93
N VAL B 342 17.83 12.40 30.13
CA VAL B 342 16.39 12.32 30.40
C VAL B 342 16.07 12.96 31.75
N ILE B 343 16.80 12.55 32.79
CA ILE B 343 16.61 13.09 34.13
C ILE B 343 16.90 14.59 34.13
N LYS B 344 18.02 14.95 33.51
CA LYS B 344 18.42 16.35 33.43
C LYS B 344 17.29 17.20 32.85
N ILE B 345 16.81 16.81 31.68
CA ILE B 345 15.72 17.54 31.02
C ILE B 345 14.49 17.55 31.91
N GLY B 346 14.15 16.39 32.47
CA GLY B 346 12.99 16.30 33.34
C GLY B 346 13.06 17.33 34.47
N LYS B 347 14.23 17.46 35.07
CA LYS B 347 14.43 18.42 36.15
C LYS B 347 14.34 19.84 35.61
N GLN B 348 14.82 20.04 34.37
CA GLN B 348 14.75 21.35 33.76
C GLN B 348 13.29 21.71 33.51
N LEU B 349 12.45 20.69 33.33
CA LEU B 349 11.02 20.90 33.11
C LEU B 349 10.32 20.98 34.46
N LYS B 350 11.12 21.12 35.51
CA LYS B 350 10.61 21.24 36.87
C LYS B 350 9.92 19.98 37.37
N PHE B 351 10.30 18.84 36.83
CA PHE B 351 9.71 17.58 37.28
C PHE B 351 10.22 17.30 38.68
N SER B 352 9.72 16.25 39.31
CA SER B 352 10.14 15.89 40.65
C SER B 352 11.01 14.64 40.64
N LEU B 353 12.29 14.81 40.33
CA LEU B 353 13.23 13.69 40.28
C LEU B 353 14.25 13.79 41.41
N VAL B 354 13.78 14.09 42.61
CA VAL B 354 14.67 14.23 43.75
C VAL B 354 15.42 12.94 44.05
N ASN B 355 16.74 13.06 44.20
CA ASN B 355 17.60 11.91 44.48
C ASN B 355 17.42 10.83 43.42
N VAL B 356 17.27 11.25 42.17
CA VAL B 356 17.10 10.32 41.07
C VAL B 356 18.25 10.49 40.09
N ALA B 357 18.76 9.38 39.57
CA ALA B 357 19.86 9.41 38.62
C ALA B 357 19.50 8.65 37.35
N GLY B 358 20.19 8.98 36.27
CA GLY B 358 19.93 8.32 35.00
C GLY B 358 20.11 6.81 35.08
N ASN B 359 21.06 6.37 35.88
CA ASN B 359 21.32 4.94 36.02
C ASN B 359 20.15 4.19 36.66
N ASP B 360 19.24 4.93 37.29
CA ASP B 360 18.08 4.31 37.92
C ASP B 360 17.14 3.75 36.84
N ILE B 361 17.10 4.42 35.69
CA ILE B 361 16.27 3.98 34.57
C ILE B 361 16.88 2.74 33.94
N VAL B 362 18.21 2.73 33.86
CA VAL B 362 18.94 1.61 33.27
C VAL B 362 18.65 0.33 34.05
N GLN B 363 18.72 0.43 35.38
CA GLN B 363 18.47 -0.71 36.24
C GLN B 363 17.03 -1.18 36.13
N GLY B 364 16.15 -0.29 35.67
CA GLY B 364 14.75 -0.65 35.51
C GLY B 364 13.88 -0.46 36.74
N ASN B 365 14.07 0.66 37.43
CA ASN B 365 13.28 0.95 38.62
C ASN B 365 11.84 1.22 38.17
N LYS B 366 11.02 0.18 38.20
CA LYS B 366 9.62 0.27 37.78
C LYS B 366 8.85 1.42 38.40
N LYS B 367 9.03 1.65 39.70
CA LYS B 367 8.33 2.73 40.37
C LYS B 367 8.76 4.08 39.81
N LEU B 368 10.06 4.24 39.57
CA LEU B 368 10.59 5.48 39.02
C LEU B 368 10.06 5.71 37.61
N ILE B 369 10.06 4.65 36.82
CA ILE B 369 9.58 4.72 35.45
C ILE B 369 8.14 5.26 35.42
N LEU B 370 7.26 4.58 36.15
CA LEU B 370 5.86 4.99 36.22
C LEU B 370 5.72 6.42 36.71
N GLY B 371 6.57 6.80 37.66
CA GLY B 371 6.52 8.16 38.18
C GLY B 371 6.96 9.16 37.14
N LEU B 372 7.93 8.76 36.31
CA LEU B 372 8.45 9.62 35.26
C LEU B 372 7.46 9.71 34.10
N LEU B 373 6.73 8.63 33.86
CA LEU B 373 5.74 8.57 32.79
C LEU B 373 4.56 9.49 33.12
N TRP B 374 4.08 9.41 34.36
CA TRP B 374 2.95 10.24 34.77
C TRP B 374 3.26 11.72 34.57
N GLN B 375 4.40 12.17 35.10
CA GLN B 375 4.79 13.56 34.97
C GLN B 375 4.96 13.96 33.50
N LEU B 376 5.31 13.00 32.66
CA LEU B 376 5.48 13.27 31.24
C LEU B 376 4.12 13.45 30.58
N MET B 377 3.15 12.65 31.01
CA MET B 377 1.79 12.74 30.45
C MET B 377 1.13 14.02 30.93
N ARG B 378 1.16 14.27 32.23
CA ARG B 378 0.56 15.47 32.79
C ARG B 378 1.18 16.71 32.13
N PHE B 379 2.51 16.70 31.98
CA PHE B 379 3.23 17.80 31.38
C PHE B 379 2.67 18.11 29.98
N HIS B 380 2.53 17.07 29.17
CA HIS B 380 2.04 17.20 27.81
C HIS B 380 0.67 17.85 27.81
N MET B 381 -0.19 17.40 28.72
CA MET B 381 -1.55 17.92 28.84
C MET B 381 -1.54 19.41 29.18
N LEU B 382 -0.72 19.78 30.17
CA LEU B 382 -0.61 21.16 30.59
C LEU B 382 -0.03 22.01 29.46
N GLN B 383 0.88 21.42 28.70
CA GLN B 383 1.50 22.13 27.58
C GLN B 383 0.49 22.39 26.49
N LEU B 384 -0.46 21.48 26.31
CA LEU B 384 -1.49 21.66 25.30
C LEU B 384 -2.38 22.81 25.73
N LEU B 385 -2.78 22.82 27.00
CA LEU B 385 -3.63 23.89 27.51
C LEU B 385 -2.90 25.23 27.43
N LYS B 386 -1.63 25.23 27.79
CA LYS B 386 -0.81 26.44 27.76
C LYS B 386 -0.77 27.07 26.37
N SER B 387 -0.86 26.25 25.33
CA SER B 387 -0.81 26.75 23.97
C SER B 387 -2.09 27.52 23.65
N LEU B 388 -3.04 27.47 24.57
CA LEU B 388 -4.31 28.17 24.41
C LEU B 388 -4.49 29.26 25.46
N GLY B 394 -4.18 33.24 28.40
CA GLY B 394 -3.85 34.22 29.49
C GLY B 394 -2.88 33.65 30.49
N LYS B 395 -3.42 33.02 31.53
CA LYS B 395 -2.59 32.41 32.57
C LYS B 395 -2.26 30.97 32.19
N GLU B 396 -1.14 30.46 32.70
CA GLU B 396 -0.71 29.10 32.42
C GLU B 396 -1.35 28.16 33.44
N MET B 397 -2.46 27.53 33.05
CA MET B 397 -3.22 26.63 33.90
C MET B 397 -2.42 25.66 34.77
N THR B 398 -3.00 25.31 35.91
CA THR B 398 -2.40 24.38 36.87
C THR B 398 -3.48 23.39 37.29
N ASP B 399 -3.18 22.52 38.25
CA ASP B 399 -4.15 21.53 38.71
C ASP B 399 -5.44 22.15 39.28
N ALA B 400 -5.27 23.19 40.09
CA ALA B 400 -6.42 23.85 40.69
C ALA B 400 -7.19 24.66 39.65
N ASP B 401 -6.48 25.23 38.69
CA ASP B 401 -7.12 26.02 37.64
C ASP B 401 -8.09 25.18 36.81
N ILE B 402 -7.74 23.91 36.61
CA ILE B 402 -8.58 23.01 35.84
C ILE B 402 -9.83 22.67 36.65
N LEU B 403 -9.62 22.41 37.93
CA LEU B 403 -10.71 22.07 38.84
C LEU B 403 -11.70 23.24 38.88
N SER B 404 -11.17 24.46 38.76
CA SER B 404 -11.99 25.67 38.79
C SER B 404 -12.84 25.84 37.54
N TRP B 405 -12.20 25.76 36.38
CA TRP B 405 -12.89 25.89 35.11
C TRP B 405 -14.05 24.90 35.00
N ALA B 406 -13.79 23.66 35.38
CA ALA B 406 -14.79 22.60 35.34
C ALA B 406 -16.04 22.97 36.12
N ASN B 407 -15.86 23.40 37.37
CA ASN B 407 -16.99 23.78 38.22
C ASN B 407 -17.68 25.04 37.69
N ARG B 408 -16.90 25.95 37.11
CA ARG B 408 -17.45 27.18 36.58
C ARG B 408 -18.17 26.97 35.25
N LYS B 409 -17.94 25.81 34.63
CA LYS B 409 -18.57 25.49 33.35
C LYS B 409 -19.93 24.83 33.59
N VAL B 410 -20.01 24.02 34.64
CA VAL B 410 -21.24 23.33 35.00
C VAL B 410 -22.26 24.31 35.56
N ARG B 411 -21.77 25.43 36.07
CA ARG B 411 -22.63 26.46 36.65
C ARG B 411 -23.21 27.39 35.59
N THR B 412 -22.35 27.90 34.72
CA THR B 412 -22.76 28.81 33.67
C THR B 412 -23.83 28.20 32.75
N MET B 413 -23.94 26.87 32.77
CA MET B 413 -24.93 26.20 31.95
C MET B 413 -26.27 26.16 32.69
N GLY B 414 -26.21 26.03 34.01
CA GLY B 414 -27.43 26.00 34.80
C GLY B 414 -27.55 24.92 35.86
N ARG B 415 -26.45 24.23 36.17
CA ARG B 415 -26.47 23.16 37.17
C ARG B 415 -25.90 23.57 38.52
N LYS B 416 -26.15 22.75 39.54
CA LYS B 416 -25.68 23.04 40.89
C LYS B 416 -24.63 22.07 41.43
N LEU B 417 -24.52 20.89 40.83
CA LEU B 417 -23.54 19.90 41.29
C LEU B 417 -22.10 20.34 41.02
N GLN B 418 -21.27 20.22 42.05
CA GLN B 418 -19.85 20.61 41.98
C GLN B 418 -18.97 19.52 42.58
N ILE B 419 -17.66 19.77 42.59
CA ILE B 419 -16.70 18.82 43.15
C ILE B 419 -15.59 19.56 43.90
N GLU B 420 -15.24 19.06 45.08
CA GLU B 420 -14.19 19.67 45.88
C GLU B 420 -12.85 19.54 45.19
N SER B 421 -12.58 18.36 44.64
CA SER B 421 -11.33 18.09 43.94
C SER B 421 -11.50 16.95 42.94
N PHE B 422 -10.38 16.47 42.41
CA PHE B 422 -10.39 15.38 41.45
C PHE B 422 -10.33 14.04 42.19
N LYS B 423 -10.55 14.10 43.49
CA LYS B 423 -10.51 12.90 44.32
C LYS B 423 -11.86 12.65 44.97
N ASP B 424 -12.78 13.59 44.79
CA ASP B 424 -14.12 13.47 45.35
C ASP B 424 -14.74 12.15 44.94
N LYS B 425 -15.35 11.45 45.91
CA LYS B 425 -15.97 10.16 45.65
C LYS B 425 -17.26 10.23 44.83
N SER B 426 -17.84 11.42 44.73
CA SER B 426 -19.08 11.58 43.97
C SER B 426 -18.84 11.41 42.47
N LEU B 427 -17.59 11.58 42.06
CA LEU B 427 -17.23 11.44 40.64
C LEU B 427 -17.62 10.08 40.08
N SER B 428 -17.67 9.08 40.95
CA SER B 428 -18.01 7.72 40.55
C SER B 428 -19.39 7.56 39.90
N SER B 429 -20.25 8.56 40.07
CA SER B 429 -21.59 8.50 39.50
C SER B 429 -21.55 8.93 38.03
N GLY B 430 -20.51 9.66 37.65
CA GLY B 430 -20.38 10.12 36.27
C GLY B 430 -21.24 11.32 35.94
N LEU B 431 -22.12 11.69 36.86
CA LEU B 431 -23.03 12.81 36.64
C LEU B 431 -22.31 14.13 36.39
N PHE B 432 -21.23 14.39 37.13
CA PHE B 432 -20.49 15.63 36.95
C PHE B 432 -19.92 15.72 35.54
N PHE B 433 -19.17 14.69 35.13
CA PHE B 433 -18.58 14.67 33.81
C PHE B 433 -19.63 14.85 32.72
N LEU B 434 -20.71 14.06 32.81
CA LEU B 434 -21.78 14.15 31.83
C LEU B 434 -22.37 15.55 31.78
N ASN B 435 -22.55 16.17 32.94
CA ASN B 435 -23.08 17.52 32.99
C ASN B 435 -22.04 18.46 32.39
N LEU B 436 -20.77 18.10 32.54
CA LEU B 436 -19.67 18.89 32.01
C LEU B 436 -19.59 18.78 30.49
N LEU B 437 -19.64 17.56 29.98
CA LEU B 437 -19.59 17.32 28.54
C LEU B 437 -20.74 18.02 27.85
N TRP B 438 -21.90 17.97 28.49
CA TRP B 438 -23.10 18.60 27.95
C TRP B 438 -22.89 20.10 27.86
N ALA B 439 -22.22 20.67 28.87
CA ALA B 439 -21.95 22.10 28.92
C ALA B 439 -20.95 22.53 27.85
N VAL B 440 -20.08 21.61 27.45
CA VAL B 440 -19.07 21.90 26.43
C VAL B 440 -19.68 21.79 25.03
N GLU B 441 -20.59 20.85 24.86
CA GLU B 441 -21.25 20.61 23.59
C GLU B 441 -22.50 19.77 23.84
N PRO B 442 -23.65 20.43 24.05
CA PRO B 442 -24.94 19.76 24.31
C PRO B 442 -25.36 18.75 23.25
N ARG B 443 -24.90 18.95 22.02
CA ARG B 443 -25.23 18.05 20.92
C ARG B 443 -24.75 16.62 21.11
N VAL B 444 -23.73 16.41 21.95
CA VAL B 444 -23.19 15.08 22.16
C VAL B 444 -23.69 14.28 23.37
N VAL B 445 -24.63 14.85 24.13
CA VAL B 445 -25.14 14.15 25.30
C VAL B 445 -26.65 13.92 25.24
N ASN B 446 -27.05 12.66 25.45
CA ASN B 446 -28.47 12.27 25.44
C ASN B 446 -28.83 11.76 26.84
N TRP B 447 -29.46 12.62 27.65
CA TRP B 447 -29.83 12.26 29.00
C TRP B 447 -30.84 11.13 29.12
N ASN B 448 -31.37 10.67 27.99
CA ASN B 448 -32.32 9.57 28.02
C ASN B 448 -31.53 8.27 28.15
N LEU B 449 -30.21 8.39 28.09
CA LEU B 449 -29.31 7.25 28.20
C LEU B 449 -28.55 7.27 29.52
N VAL B 450 -28.32 8.49 30.04
CA VAL B 450 -27.61 8.66 31.31
C VAL B 450 -28.45 8.12 32.46
N THR B 451 -27.82 7.36 33.35
CA THR B 451 -28.52 6.78 34.48
C THR B 451 -28.07 7.41 35.79
N LYS B 452 -28.57 6.89 36.90
CA LYS B 452 -28.20 7.38 38.23
C LYS B 452 -26.98 6.61 38.72
N GLY B 453 -25.92 7.34 39.04
CA GLY B 453 -24.70 6.72 39.51
C GLY B 453 -24.78 6.21 40.94
N GLU B 454 -25.51 5.11 41.15
CA GLU B 454 -25.67 4.53 42.47
C GLU B 454 -25.16 3.09 42.50
N THR B 455 -25.89 2.19 41.83
CA THR B 455 -25.48 0.79 41.79
C THR B 455 -24.27 0.68 40.86
N ASP B 456 -23.45 -0.34 41.06
CA ASP B 456 -22.27 -0.54 40.24
C ASP B 456 -22.59 -0.61 38.75
N ASP B 457 -23.59 -1.41 38.39
CA ASP B 457 -23.99 -1.55 36.99
C ASP B 457 -24.50 -0.24 36.37
N GLU B 458 -24.73 0.76 37.22
CA GLU B 458 -25.21 2.05 36.74
C GLU B 458 -24.05 3.02 36.57
N LYS B 459 -23.10 2.99 37.49
CA LYS B 459 -21.94 3.86 37.42
C LYS B 459 -21.07 3.46 36.24
N ARG B 460 -20.93 2.15 36.04
CA ARG B 460 -20.13 1.62 34.94
C ARG B 460 -20.78 1.97 33.61
N LEU B 461 -22.11 1.93 33.59
CA LEU B 461 -22.85 2.23 32.38
C LEU B 461 -22.65 3.70 31.98
N ASN B 462 -22.54 4.57 32.98
CA ASN B 462 -22.32 5.98 32.75
C ASN B 462 -20.87 6.23 32.34
N ALA B 463 -19.95 5.56 33.04
CA ALA B 463 -18.52 5.70 32.79
C ALA B 463 -18.16 5.33 31.35
N THR B 464 -18.68 4.21 30.87
CA THR B 464 -18.41 3.76 29.51
C THR B 464 -18.90 4.81 28.52
N TYR B 465 -19.96 5.51 28.90
CA TYR B 465 -20.55 6.55 28.07
C TYR B 465 -19.63 7.76 28.08
N ILE B 466 -19.11 8.07 29.27
CA ILE B 466 -18.19 9.19 29.45
C ILE B 466 -17.03 9.06 28.47
N VAL B 467 -16.29 7.96 28.60
CA VAL B 467 -15.12 7.68 27.76
C VAL B 467 -15.33 7.88 26.26
N SER B 468 -16.36 7.27 25.70
CA SER B 468 -16.63 7.39 24.27
C SER B 468 -17.02 8.80 23.84
N VAL B 469 -17.90 9.44 24.60
CA VAL B 469 -18.32 10.80 24.26
C VAL B 469 -17.11 11.74 24.29
N ALA B 470 -16.24 11.55 25.28
CA ALA B 470 -15.04 12.37 25.40
C ALA B 470 -14.17 12.19 24.16
N ARG B 471 -13.95 10.93 23.77
CA ARG B 471 -13.15 10.62 22.59
C ARG B 471 -13.82 11.22 21.36
N LYS B 472 -15.16 11.22 21.39
CA LYS B 472 -15.94 11.76 20.29
C LYS B 472 -15.67 13.26 20.12
N LEU B 473 -15.37 13.92 21.23
CA LEU B 473 -15.07 15.36 21.21
C LEU B 473 -13.66 15.60 20.69
N GLY B 474 -12.82 14.57 20.75
CA GLY B 474 -11.45 14.69 20.28
C GLY B 474 -10.44 14.34 21.36
N CYS B 475 -10.93 14.03 22.55
CA CYS B 475 -10.09 13.68 23.67
C CYS B 475 -9.33 12.37 23.45
N SER B 476 -8.02 12.48 23.25
CA SER B 476 -7.19 11.31 23.05
C SER B 476 -6.73 10.83 24.42
N VAL B 477 -7.67 10.33 25.21
CA VAL B 477 -7.37 9.84 26.54
C VAL B 477 -7.28 8.31 26.56
N PHE B 478 -6.57 7.77 27.55
CA PHE B 478 -6.39 6.33 27.64
C PHE B 478 -6.79 5.75 28.99
N LEU B 479 -7.67 6.46 29.69
CA LEU B 479 -8.14 6.00 30.99
C LEU B 479 -9.17 4.91 30.76
N LEU B 480 -9.31 4.03 31.75
CA LEU B 480 -10.28 2.94 31.68
C LEU B 480 -11.61 3.43 32.25
N PRO B 481 -12.72 2.80 31.87
CA PRO B 481 -14.02 3.20 32.40
C PRO B 481 -14.02 3.14 33.93
N GLU B 482 -13.48 2.05 34.46
CA GLU B 482 -13.42 1.85 35.91
C GLU B 482 -12.55 2.90 36.62
N ASP B 483 -11.75 3.62 35.86
CA ASP B 483 -10.90 4.66 36.45
C ASP B 483 -11.77 5.78 36.99
N ILE B 484 -13.01 5.86 36.50
CA ILE B 484 -13.95 6.88 36.95
C ILE B 484 -14.80 6.32 38.09
N VAL B 485 -15.15 5.05 37.99
CA VAL B 485 -15.95 4.39 39.01
C VAL B 485 -15.19 4.28 40.32
N GLU B 486 -13.88 4.07 40.23
CA GLU B 486 -13.02 3.95 41.40
C GLU B 486 -12.43 5.31 41.74
N VAL B 487 -12.73 6.31 40.91
CA VAL B 487 -12.25 7.67 41.10
C VAL B 487 -10.73 7.73 41.17
N ASN B 488 -10.09 7.60 40.01
CA ASN B 488 -8.63 7.66 39.92
C ASN B 488 -8.24 9.09 39.56
N GLN B 489 -8.04 9.91 40.59
CA GLN B 489 -7.70 11.31 40.43
C GLN B 489 -6.75 11.65 39.28
N LYS B 490 -5.66 10.88 39.16
CA LYS B 490 -4.70 11.13 38.09
C LYS B 490 -5.38 11.15 36.72
N MET B 491 -6.08 10.07 36.39
CA MET B 491 -6.77 9.98 35.11
C MET B 491 -7.92 10.99 35.04
N ILE B 492 -8.55 11.24 36.19
CA ILE B 492 -9.65 12.19 36.28
C ILE B 492 -9.15 13.57 35.88
N LEU B 493 -7.91 13.87 36.28
CA LEU B 493 -7.30 15.15 35.98
C LEU B 493 -7.11 15.32 34.47
N ILE B 494 -6.47 14.33 33.85
CA ILE B 494 -6.21 14.36 32.42
C ILE B 494 -7.51 14.45 31.62
N LEU B 495 -8.53 13.70 32.05
CA LEU B 495 -9.82 13.71 31.35
C LEU B 495 -10.40 15.12 31.37
N THR B 496 -10.48 15.72 32.56
CA THR B 496 -11.01 17.06 32.70
C THR B 496 -10.22 18.05 31.84
N ALA B 497 -8.90 17.96 31.93
CA ALA B 497 -8.01 18.84 31.17
C ALA B 497 -8.14 18.63 29.68
N SER B 498 -8.47 17.40 29.28
CA SER B 498 -8.65 17.09 27.87
C SER B 498 -9.94 17.74 27.38
N ILE B 499 -11.00 17.58 28.17
CA ILE B 499 -12.30 18.17 27.84
C ILE B 499 -12.16 19.69 27.76
N MET B 500 -11.40 20.26 28.68
CA MET B 500 -11.19 21.71 28.72
C MET B 500 -10.45 22.17 27.47
N TYR B 501 -9.41 21.42 27.10
CA TYR B 501 -8.59 21.75 25.94
C TYR B 501 -9.43 21.92 24.67
N TRP B 502 -10.34 20.97 24.44
CA TRP B 502 -11.18 21.02 23.26
C TRP B 502 -12.28 22.06 23.38
N SER B 503 -12.76 22.29 24.59
CA SER B 503 -13.81 23.28 24.80
C SER B 503 -13.28 24.67 24.47
N LEU B 504 -12.06 24.95 24.94
CA LEU B 504 -11.40 26.23 24.72
C LEU B 504 -11.23 26.61 23.25
N GLN B 505 -11.58 25.71 22.35
CA GLN B 505 -11.47 26.00 20.93
C GLN B 505 -12.72 25.55 20.18
N ARG B 506 -13.87 25.93 20.74
CA ARG B 506 -15.18 25.61 20.16
C ARG B 506 -15.84 26.86 19.60
#